data_4UOE
#
_entry.id   4UOE
#
_cell.length_a   198.050
_cell.length_b   134.616
_cell.length_c   48.306
_cell.angle_alpha   90.00
_cell.angle_beta   95.33
_cell.angle_gamma   90.00
#
_symmetry.space_group_name_H-M   'C 1 2 1'
#
loop_
_entity.id
_entity.type
_entity.pdbx_description
1 polymer 'SPERMIDINE SYNTHASE'
2 non-polymer "5'-DEOXY-5'-METHYLTHIOADENOSINE"
3 non-polymer 4-(aminomethyl)aniline
4 non-polymer GLYCEROL
5 non-polymer 2-(2-{2-[2-(2-METHOXY-ETHOXY)-ETHOXY]-ETHOXY}-ETHOXY)-ETHANOL
6 water water
#
_entity_poly.entity_id   1
_entity_poly.type   'polypeptide(L)'
_entity_poly.pdbx_seq_one_letter_code
;KKWFSEFSIMWPGQAFSLKIKKILYETKSKYQNVLVFESTTYGKVLVLDGVIQLTEKDEFAYHEMMTHVPMTVSKEPKNV
LVVGGGDGGIIRELCKYKSVENIDICEIDETVIEVSKIYFKNISCGYEDKRVNVFIEDASKFLENVTNTYDVIIVDSSDP
IGPAETLFNQNFYEKIYNALKPNGYCVAQCESLWIHVGTIKNMIGYAKKLFKKVEYANISIPTYPCGCIGILCCSKTDTG
LTKPNKKLESKEFADLKYYNYENHSAAFKLPAFLLKEIENI
;
_entity_poly.pdbx_strand_id   A,B,C
#
# COMPACT_ATOMS: atom_id res chain seq x y z
N LYS A 1 -15.76 20.25 -21.13
CA LYS A 1 -15.26 20.77 -19.81
C LYS A 1 -16.41 21.17 -18.91
N LYS A 2 -16.36 20.70 -17.66
CA LYS A 2 -17.35 21.08 -16.67
C LYS A 2 -16.93 22.37 -15.96
N TRP A 3 -17.80 22.84 -15.06
CA TRP A 3 -17.57 24.04 -14.27
C TRP A 3 -17.73 23.71 -12.79
N PHE A 4 -16.89 24.31 -11.95
CA PHE A 4 -17.10 24.32 -10.53
C PHE A 4 -17.94 25.54 -10.15
N SER A 5 -18.92 25.36 -9.26
CA SER A 5 -19.80 26.41 -8.82
C SER A 5 -19.83 26.44 -7.29
N GLU A 6 -19.74 27.64 -6.72
CA GLU A 6 -19.72 27.87 -5.29
C GLU A 6 -21.04 28.38 -4.67
N PHE A 7 -21.87 27.46 -4.22
CA PHE A 7 -23.21 27.78 -3.67
C PHE A 7 -23.11 27.62 -2.17
N SER A 8 -23.85 28.39 -1.39
CA SER A 8 -23.78 28.27 0.06
C SER A 8 -24.94 29.02 0.69
N ILE A 9 -25.41 28.50 1.81
CA ILE A 9 -26.31 29.25 2.68
C ILE A 9 -25.66 30.51 3.28
N MET A 10 -24.34 30.61 3.24
CA MET A 10 -23.71 31.85 3.68
C MET A 10 -23.81 32.99 2.65
N TRP A 11 -24.15 32.67 1.41
CA TRP A 11 -24.44 33.73 0.40
C TRP A 11 -25.56 33.22 -0.52
N PRO A 12 -26.78 33.14 0.05
CA PRO A 12 -27.87 32.61 -0.75
C PRO A 12 -28.21 33.53 -1.96
N GLY A 13 -28.54 32.91 -3.09
CA GLY A 13 -29.09 33.62 -4.24
C GLY A 13 -28.03 34.01 -5.17
N GLN A 14 -26.77 33.73 -4.79
CA GLN A 14 -25.66 34.03 -5.73
C GLN A 14 -24.73 32.86 -5.80
N ALA A 15 -23.95 32.80 -6.86
CA ALA A 15 -22.92 31.79 -6.99
C ALA A 15 -21.90 32.26 -8.02
N PHE A 16 -20.64 31.86 -7.82
CA PHE A 16 -19.53 32.18 -8.71
C PHE A 16 -19.00 30.87 -9.19
N SER A 17 -18.53 30.86 -10.45
CA SER A 17 -18.16 29.64 -11.17
C SER A 17 -16.86 29.80 -11.91
N LEU A 18 -16.10 28.71 -11.94
CA LEU A 18 -14.88 28.62 -12.69
C LEU A 18 -14.88 27.36 -13.51
N LYS A 19 -14.43 27.53 -14.74
CA LYS A 19 -14.34 26.49 -15.68
C LYS A 19 -13.16 25.65 -15.34
N ILE A 20 -13.39 24.34 -15.37
CA ILE A 20 -12.41 23.33 -14.93
C ILE A 20 -11.63 22.77 -16.09
N LYS A 21 -10.30 22.97 -16.05
CA LYS A 21 -9.38 22.29 -16.97
C LYS A 21 -9.15 20.84 -16.58
N LYS A 22 -8.88 20.57 -15.30
CA LYS A 22 -8.85 19.20 -14.82
C LYS A 22 -8.86 19.10 -13.32
N ILE A 23 -9.58 18.15 -12.79
CA ILE A 23 -9.58 17.91 -11.38
C ILE A 23 -8.22 17.32 -11.00
N LEU A 24 -7.57 17.78 -9.93
CA LEU A 24 -6.30 17.20 -9.52
C LEU A 24 -6.38 16.24 -8.32
N TYR A 25 -7.25 16.50 -7.36
CA TYR A 25 -7.26 15.68 -6.14
C TYR A 25 -8.53 15.97 -5.38
N GLU A 26 -9.19 14.94 -4.86
CA GLU A 26 -10.33 15.10 -3.93
C GLU A 26 -10.20 14.13 -2.79
N THR A 27 -10.66 14.52 -1.62
CA THR A 27 -10.68 13.60 -0.51
C THR A 27 -11.59 14.10 0.57
N LYS A 28 -11.95 13.23 1.46
CA LYS A 28 -12.66 13.62 2.63
C LYS A 28 -11.66 13.48 3.82
N SER A 29 -11.23 14.60 4.37
CA SER A 29 -10.25 14.58 5.43
C SER A 29 -11.04 14.37 6.71
N LYS A 30 -10.36 14.40 7.83
CA LYS A 30 -11.09 14.23 9.12
C LYS A 30 -12.01 15.42 9.46
N TYR A 31 -11.78 16.55 8.79
CA TYR A 31 -12.54 17.76 9.12
C TYR A 31 -13.39 18.20 7.95
N GLN A 32 -12.97 17.95 6.71
CA GLN A 32 -13.68 18.59 5.66
C GLN A 32 -13.44 17.98 4.28
N ASN A 33 -14.26 18.39 3.33
CA ASN A 33 -14.06 17.94 1.98
C ASN A 33 -13.05 18.78 1.32
N VAL A 34 -12.09 18.16 0.64
CA VAL A 34 -11.03 18.90 0.05
C VAL A 34 -11.05 18.68 -1.43
N LEU A 35 -10.97 19.76 -2.22
CA LEU A 35 -10.89 19.59 -3.66
C LEU A 35 -9.85 20.49 -4.26
N VAL A 36 -9.12 20.03 -5.28
CA VAL A 36 -8.08 20.83 -5.92
C VAL A 36 -8.28 20.61 -7.42
N PHE A 37 -8.42 21.70 -8.19
CA PHE A 37 -8.51 21.62 -9.62
C PHE A 37 -7.68 22.68 -10.30
N GLU A 38 -7.30 22.41 -11.53
CA GLU A 38 -6.74 23.42 -12.33
C GLU A 38 -7.92 24.05 -13.12
N SER A 39 -8.09 25.36 -12.97
CA SER A 39 -9.11 26.15 -13.66
C SER A 39 -8.53 26.48 -15.01
N THR A 40 -9.39 26.82 -15.97
CA THR A 40 -8.86 27.33 -17.27
C THR A 40 -8.24 28.72 -17.20
N THR A 41 -8.69 29.60 -16.32
CA THR A 41 -8.12 30.95 -16.34
C THR A 41 -7.55 31.51 -15.05
N TYR A 42 -7.84 30.90 -13.92
CA TYR A 42 -7.39 31.35 -12.62
C TYR A 42 -6.27 30.46 -12.05
N GLY A 43 -5.69 29.61 -12.90
CA GLY A 43 -4.73 28.57 -12.43
C GLY A 43 -5.32 27.59 -11.45
N LYS A 44 -4.53 27.17 -10.48
CA LYS A 44 -5.03 26.09 -9.58
C LYS A 44 -5.81 26.69 -8.46
N VAL A 45 -6.75 25.91 -7.92
CA VAL A 45 -7.76 26.36 -7.04
C VAL A 45 -7.88 25.33 -5.93
N LEU A 46 -8.08 25.78 -4.70
CA LEU A 46 -8.25 24.89 -3.55
C LEU A 46 -9.59 25.17 -3.01
N VAL A 47 -10.40 24.12 -2.80
CA VAL A 47 -11.74 24.20 -2.27
C VAL A 47 -11.86 23.32 -1.00
N LEU A 48 -12.61 23.81 -0.02
CA LEU A 48 -12.83 23.12 1.26
C LEU A 48 -14.29 23.31 1.57
N ASP A 49 -15.01 22.19 1.65
CA ASP A 49 -16.42 22.12 1.92
C ASP A 49 -17.19 22.92 0.89
N GLY A 50 -16.80 22.84 -0.38
CA GLY A 50 -17.55 23.51 -1.42
C GLY A 50 -17.20 24.99 -1.51
N VAL A 51 -16.26 25.49 -0.71
CA VAL A 51 -15.99 26.94 -0.68
C VAL A 51 -14.56 27.24 -1.11
N ILE A 52 -14.40 28.18 -2.02
CA ILE A 52 -13.10 28.43 -2.62
C ILE A 52 -12.22 29.09 -1.60
N GLN A 53 -11.00 28.58 -1.43
CA GLN A 53 -10.09 29.14 -0.42
C GLN A 53 -9.02 29.95 -1.07
N LEU A 54 -8.57 29.53 -2.23
CA LEU A 54 -7.67 30.37 -2.98
C LEU A 54 -7.63 29.96 -4.40
N THR A 55 -7.02 30.81 -5.22
CA THR A 55 -6.60 30.45 -6.57
C THR A 55 -5.26 31.10 -6.79
N GLU A 56 -4.46 30.49 -7.66
CA GLU A 56 -3.17 31.00 -7.91
C GLU A 56 -3.25 32.42 -8.48
N LYS A 57 -4.28 32.80 -9.22
CA LYS A 57 -4.24 34.10 -9.96
C LYS A 57 -4.32 35.29 -8.98
N ASP A 58 -5.12 35.13 -7.93
CA ASP A 58 -5.39 36.25 -7.08
C ASP A 58 -4.98 36.12 -5.63
N GLU A 59 -4.47 34.98 -5.17
CA GLU A 59 -4.21 34.82 -3.69
C GLU A 59 -3.26 35.87 -3.11
N PHE A 60 -2.36 36.38 -3.93
CA PHE A 60 -1.44 37.37 -3.50
C PHE A 60 -2.09 38.60 -2.93
N ALA A 61 -3.33 38.91 -3.34
CA ALA A 61 -3.95 40.11 -2.87
C ALA A 61 -4.35 39.90 -1.41
N TYR A 62 -4.94 38.75 -1.14
CA TYR A 62 -5.37 38.47 0.27
C TYR A 62 -4.17 38.14 1.20
N HIS A 63 -3.22 37.37 0.71
CA HIS A 63 -2.02 37.04 1.50
C HIS A 63 -1.10 38.25 1.78
N GLU A 64 -0.82 39.08 0.78
CA GLU A 64 -0.09 40.33 1.00
C GLU A 64 -0.76 41.28 1.91
N MET A 65 -2.07 41.49 1.80
CA MET A 65 -2.70 42.49 2.70
C MET A 65 -2.90 42.01 4.14
N MET A 66 -3.27 40.76 4.32
CA MET A 66 -3.38 40.22 5.72
C MET A 66 -2.02 40.20 6.50
N THR A 67 -0.93 40.04 5.76
CA THR A 67 0.35 39.92 6.37
C THR A 67 0.97 41.33 6.61
N HIS A 68 1.08 42.13 5.55
CA HIS A 68 1.84 43.36 5.57
C HIS A 68 1.17 44.52 6.22
N VAL A 69 -0.13 44.48 6.37
CA VAL A 69 -0.78 45.48 7.18
C VAL A 69 -0.16 45.40 8.56
N PRO A 70 -0.42 44.31 9.31
CA PRO A 70 0.12 44.26 10.68
C PRO A 70 1.64 44.26 10.77
N MET A 71 2.34 43.62 9.86
CA MET A 71 3.81 43.59 9.90
C MET A 71 4.53 44.91 9.50
N THR A 72 3.81 45.91 9.00
CA THR A 72 4.45 47.21 8.76
C THR A 72 4.10 48.17 9.90
N VAL A 73 3.18 47.78 10.76
CA VAL A 73 2.78 48.58 11.89
C VAL A 73 3.60 48.09 13.10
N SER A 74 3.65 46.76 13.33
CA SER A 74 4.46 46.18 14.42
C SER A 74 5.91 46.65 14.25
N LYS A 75 6.51 47.17 15.32
CA LYS A 75 7.85 47.81 15.18
C LYS A 75 8.94 46.79 14.95
N GLU A 76 9.05 45.81 15.85
CA GLU A 76 10.09 44.78 15.70
C GLU A 76 9.54 43.40 16.01
N PRO A 77 8.68 42.86 15.12
CA PRO A 77 7.97 41.61 15.44
C PRO A 77 8.93 40.43 15.43
N LYS A 78 8.94 39.67 16.54
CA LYS A 78 9.90 38.54 16.74
C LYS A 78 9.23 37.21 16.51
N ASN A 79 8.08 37.06 17.17
CA ASN A 79 7.27 35.87 17.16
C ASN A 79 5.82 36.07 16.58
N VAL A 80 5.50 35.36 15.50
CA VAL A 80 4.19 35.51 14.87
C VAL A 80 3.42 34.18 14.86
N LEU A 81 2.17 34.20 15.27
CA LEU A 81 1.24 33.05 15.09
C LEU A 81 0.30 33.25 13.86
N VAL A 82 0.24 32.25 12.97
CA VAL A 82 -0.79 32.15 11.93
C VAL A 82 -1.83 31.11 12.39
N VAL A 83 -3.09 31.50 12.59
CA VAL A 83 -4.19 30.54 12.75
C VAL A 83 -4.81 30.19 11.40
N GLY A 84 -5.00 28.89 11.17
CA GLY A 84 -5.48 28.44 9.90
C GLY A 84 -4.35 28.56 8.92
N GLY A 85 -4.61 28.96 7.71
CA GLY A 85 -3.54 29.18 6.77
C GLY A 85 -2.68 28.00 6.30
N GLY A 86 -3.25 26.78 6.29
CA GLY A 86 -2.55 25.56 5.88
C GLY A 86 -1.90 25.72 4.51
N ASP A 87 -2.49 26.53 3.65
CA ASP A 87 -1.87 26.68 2.31
C ASP A 87 -0.46 27.21 2.41
N GLY A 88 -0.19 27.97 3.45
CA GLY A 88 1.15 28.58 3.63
C GLY A 88 1.40 29.99 3.06
N GLY A 89 0.37 30.59 2.45
CA GLY A 89 0.54 31.93 1.80
C GLY A 89 0.94 33.05 2.76
N ILE A 90 0.30 33.13 3.93
CA ILE A 90 0.73 34.06 4.97
C ILE A 90 2.19 33.83 5.35
N ILE A 91 2.52 32.55 5.55
CA ILE A 91 3.84 32.17 5.99
C ILE A 91 4.85 32.59 4.97
N ARG A 92 4.52 32.37 3.69
CA ARG A 92 5.39 32.83 2.60
C ARG A 92 5.69 34.34 2.77
N GLU A 93 4.64 35.10 3.11
CA GLU A 93 4.80 36.57 3.17
C GLU A 93 5.60 36.94 4.43
N LEU A 94 5.32 36.29 5.57
CA LEU A 94 6.08 36.49 6.80
C LEU A 94 7.59 36.22 6.71
N CYS A 95 7.94 35.14 6.05
CA CYS A 95 9.34 34.79 5.83
C CYS A 95 10.18 35.89 5.21
N LYS A 96 9.53 36.87 4.58
CA LYS A 96 10.27 37.93 3.88
C LYS A 96 10.89 38.94 4.85
N TYR A 97 10.43 38.96 6.11
CA TYR A 97 10.95 39.75 7.16
C TYR A 97 12.11 39.01 7.91
N LYS A 98 13.36 39.38 7.56
CA LYS A 98 14.58 38.80 8.18
C LYS A 98 14.59 38.77 9.71
N SER A 99 14.12 39.84 10.30
CA SER A 99 14.04 39.98 11.75
C SER A 99 13.06 39.11 12.50
N VAL A 100 12.16 38.44 11.78
CA VAL A 100 11.27 37.55 12.47
C VAL A 100 12.09 36.35 12.99
N GLU A 101 11.90 35.98 14.24
CA GLU A 101 12.68 34.86 14.78
C GLU A 101 11.90 33.54 14.73
N ASN A 102 10.60 33.60 15.01
CA ASN A 102 9.79 32.41 15.01
C ASN A 102 8.41 32.60 14.36
N ILE A 103 7.98 31.67 13.51
CA ILE A 103 6.60 31.64 12.97
C ILE A 103 5.89 30.35 13.38
N ASP A 104 4.91 30.44 14.27
CA ASP A 104 4.14 29.28 14.60
C ASP A 104 2.92 29.26 13.67
N ILE A 105 2.47 28.08 13.24
CA ILE A 105 1.19 27.95 12.56
C ILE A 105 0.40 26.87 13.20
N CYS A 106 -0.82 27.20 13.58
CA CYS A 106 -1.78 26.27 14.08
C CYS A 106 -2.97 26.05 13.08
N GLU A 107 -2.94 24.89 12.43
CA GLU A 107 -3.90 24.46 11.41
C GLU A 107 -4.52 23.13 11.85
N ILE A 108 -5.83 23.04 11.71
CA ILE A 108 -6.57 21.93 12.32
C ILE A 108 -6.44 20.71 11.40
N ASP A 109 -6.27 20.96 10.12
CA ASP A 109 -6.32 19.91 9.11
C ASP A 109 -5.03 19.72 8.32
N GLU A 110 -4.21 18.75 8.70
CA GLU A 110 -2.90 18.54 8.07
C GLU A 110 -2.97 18.18 6.61
N THR A 111 -4.08 17.59 6.22
CA THR A 111 -4.30 17.36 4.77
C THR A 111 -4.16 18.64 3.93
N VAL A 112 -4.63 19.77 4.44
CA VAL A 112 -4.48 21.06 3.73
C VAL A 112 -3.00 21.41 3.47
N ILE A 113 -2.19 21.26 4.52
CA ILE A 113 -0.73 21.48 4.41
C ILE A 113 -0.12 20.58 3.36
N GLU A 114 -0.38 19.28 3.48
CA GLU A 114 0.18 18.25 2.58
C GLU A 114 -0.25 18.50 1.14
N VAL A 115 -1.52 18.79 0.93
CA VAL A 115 -2.03 19.08 -0.41
C VAL A 115 -1.40 20.34 -0.97
N SER A 116 -1.20 21.31 -0.08
CA SER A 116 -0.58 22.52 -0.57
C SER A 116 0.90 22.37 -0.94
N LYS A 117 1.64 21.56 -0.16
CA LYS A 117 3.05 21.24 -0.48
C LYS A 117 3.18 20.47 -1.77
N ILE A 118 2.18 19.66 -2.06
CA ILE A 118 2.20 18.87 -3.29
C ILE A 118 1.72 19.67 -4.50
N TYR A 119 0.60 20.37 -4.37
CA TYR A 119 -0.05 20.96 -5.55
C TYR A 119 0.12 22.47 -5.76
N PHE A 120 0.61 23.18 -4.74
CA PHE A 120 0.74 24.63 -4.80
C PHE A 120 2.13 25.04 -4.33
N LYS A 121 3.14 24.71 -5.13
CA LYS A 121 4.52 24.84 -4.64
C LYS A 121 5.00 26.30 -4.42
N ASN A 122 4.52 27.24 -5.22
CA ASN A 122 4.80 28.67 -4.97
C ASN A 122 3.99 29.31 -3.83
N ILE A 123 3.07 28.56 -3.23
CA ILE A 123 2.34 29.07 -2.08
C ILE A 123 2.87 28.45 -0.77
N SER A 124 3.35 27.19 -0.85
CA SER A 124 3.77 26.43 0.34
C SER A 124 5.27 26.44 0.59
N CYS A 125 6.01 27.21 -0.21
CA CYS A 125 7.50 27.19 -0.23
C CYS A 125 8.11 27.63 1.11
N GLY A 126 7.38 28.45 1.86
CA GLY A 126 7.81 28.89 3.19
C GLY A 126 7.85 27.83 4.29
N TYR A 127 7.23 26.69 4.07
CA TYR A 127 7.33 25.62 5.08
C TYR A 127 8.77 25.16 5.25
N GLU A 128 9.61 25.31 4.21
CA GLU A 128 11.03 24.99 4.23
C GLU A 128 11.86 25.85 5.18
N ASP A 129 11.32 26.97 5.65
CA ASP A 129 12.08 27.93 6.43
C ASP A 129 12.25 27.37 7.83
N LYS A 130 13.47 27.37 8.36
CA LYS A 130 13.72 26.80 9.70
C LYS A 130 13.07 27.55 10.85
N ARG A 131 12.48 28.71 10.59
CA ARG A 131 11.79 29.43 11.64
C ARG A 131 10.36 29.00 11.84
N VAL A 132 9.84 28.15 10.94
CA VAL A 132 8.42 27.81 10.93
C VAL A 132 8.16 26.57 11.73
N ASN A 133 7.19 26.60 12.63
CA ASN A 133 6.83 25.41 13.38
C ASN A 133 5.32 25.13 13.31
N VAL A 134 4.97 23.92 12.89
CA VAL A 134 3.60 23.52 12.56
C VAL A 134 2.99 22.79 13.73
N PHE A 135 1.79 23.17 14.17
CA PHE A 135 1.03 22.46 15.19
C PHE A 135 -0.29 22.07 14.50
N ILE A 136 -0.71 20.81 14.68
CA ILE A 136 -1.95 20.30 14.07
C ILE A 136 -2.95 20.15 15.16
N GLU A 137 -3.80 21.15 15.27
CA GLU A 137 -4.72 21.27 16.40
C GLU A 137 -5.74 22.37 16.11
N ASP A 138 -6.91 22.24 16.70
CA ASP A 138 -7.87 23.30 16.76
C ASP A 138 -7.25 24.52 17.45
N ALA A 139 -7.23 25.68 16.79
CA ALA A 139 -6.60 26.85 17.38
C ALA A 139 -7.33 27.31 18.63
N SER A 140 -8.60 27.00 18.75
CA SER A 140 -9.30 27.31 20.00
C SER A 140 -8.65 26.63 21.21
N LYS A 141 -8.13 25.42 21.01
CA LYS A 141 -7.45 24.72 22.13
C LYS A 141 -5.95 25.18 22.24
N PHE A 142 -5.24 25.19 21.13
CA PHE A 142 -3.90 25.73 21.07
C PHE A 142 -3.81 27.08 21.81
N LEU A 143 -4.67 28.06 21.55
CA LEU A 143 -4.59 29.34 22.23
C LEU A 143 -4.97 29.28 23.74
N GLU A 144 -5.72 28.30 24.14
CA GLU A 144 -5.94 28.09 25.57
C GLU A 144 -4.67 27.56 26.24
N ASN A 145 -3.73 26.97 25.49
CA ASN A 145 -2.65 26.22 26.10
C ASN A 145 -1.25 26.76 25.93
N VAL A 146 -1.09 27.70 25.01
CA VAL A 146 0.19 28.12 24.59
C VAL A 146 0.79 28.96 25.72
N THR A 147 2.10 28.87 25.89
CA THR A 147 2.87 29.58 26.98
C THR A 147 3.42 30.91 26.45
N ASN A 148 3.90 30.92 25.21
CA ASN A 148 4.42 32.12 24.59
C ASN A 148 3.27 33.12 24.35
N THR A 149 3.62 34.39 24.19
CA THR A 149 2.72 35.41 23.72
C THR A 149 3.35 35.90 22.39
N TYR A 150 2.53 36.41 21.48
CA TYR A 150 3.00 36.80 20.13
C TYR A 150 2.94 38.31 19.89
N ASP A 151 3.79 38.75 18.98
CA ASP A 151 3.79 40.14 18.53
C ASP A 151 2.67 40.33 17.50
N VAL A 152 2.41 39.32 16.70
CA VAL A 152 1.36 39.42 15.74
C VAL A 152 0.71 38.09 15.57
N ILE A 153 -0.62 38.11 15.62
CA ILE A 153 -1.43 36.98 15.25
C ILE A 153 -2.32 37.22 14.00
N ILE A 154 -2.17 36.37 12.98
CA ILE A 154 -2.93 36.44 11.76
C ILE A 154 -3.89 35.25 11.68
N VAL A 155 -5.18 35.52 11.75
CA VAL A 155 -6.18 34.49 11.75
C VAL A 155 -6.70 34.29 10.32
N ASP A 156 -6.04 33.41 9.56
CA ASP A 156 -6.39 33.06 8.21
C ASP A 156 -7.32 31.83 8.23
N SER A 157 -8.55 32.03 8.71
CA SER A 157 -9.54 30.98 8.77
C SER A 157 -10.40 30.80 7.51
N SER A 158 -10.99 29.64 7.45
CA SER A 158 -12.12 29.39 6.59
C SER A 158 -13.38 30.04 7.26
N ASP A 159 -14.54 29.92 6.61
CA ASP A 159 -15.79 30.52 7.03
C ASP A 159 -16.42 29.80 8.22
N PRO A 160 -17.39 30.44 8.92
CA PRO A 160 -17.96 29.89 10.19
C PRO A 160 -18.65 28.56 10.20
N ILE A 161 -19.03 28.08 9.03
CA ILE A 161 -19.62 26.76 8.90
C ILE A 161 -18.50 25.82 8.57
N GLY A 162 -18.38 24.83 9.43
CA GLY A 162 -17.24 23.93 9.43
C GLY A 162 -16.33 24.08 10.65
N PRO A 163 -15.05 23.73 10.49
CA PRO A 163 -14.17 23.63 11.68
C PRO A 163 -13.78 24.99 12.27
N ALA A 164 -13.87 26.03 11.46
CA ALA A 164 -13.67 27.37 11.93
C ALA A 164 -14.80 27.92 12.76
N GLU A 165 -15.84 27.16 13.03
CA GLU A 165 -16.92 27.67 13.86
C GLU A 165 -16.43 28.08 15.25
N THR A 166 -15.35 27.49 15.76
CA THR A 166 -14.82 27.85 17.08
C THR A 166 -14.02 29.16 17.07
N LEU A 167 -13.79 29.73 15.90
CA LEU A 167 -13.00 30.92 15.80
C LEU A 167 -13.78 32.27 15.63
N PHE A 168 -15.11 32.20 15.65
CA PHE A 168 -16.00 33.37 15.45
C PHE A 168 -16.91 33.47 16.66
N ASN A 169 -16.33 33.73 17.82
CA ASN A 169 -17.08 33.86 19.05
C ASN A 169 -16.25 34.75 19.99
N GLN A 170 -16.89 35.22 21.05
CA GLN A 170 -16.22 36.12 22.02
C GLN A 170 -15.01 35.46 22.68
N ASN A 171 -15.22 34.21 23.03
CA ASN A 171 -14.28 33.46 23.79
C ASN A 171 -12.98 33.31 22.98
N PHE A 172 -13.08 33.16 21.66
CA PHE A 172 -11.88 33.10 20.87
C PHE A 172 -11.13 34.40 20.96
N TYR A 173 -11.84 35.53 21.06
CA TYR A 173 -11.15 36.82 21.03
C TYR A 173 -10.42 37.14 22.36
N GLU A 174 -10.95 36.70 23.48
CA GLU A 174 -10.22 36.72 24.76
C GLU A 174 -8.87 35.93 24.70
N LYS A 175 -8.95 34.73 24.17
CA LYS A 175 -7.77 33.93 23.96
C LYS A 175 -6.76 34.60 23.05
N ILE A 176 -7.19 35.24 21.97
CA ILE A 176 -6.30 36.02 21.15
C ILE A 176 -5.63 37.18 21.98
N TYR A 177 -6.44 37.97 22.68
CA TYR A 177 -5.97 39.04 23.56
C TYR A 177 -4.83 38.58 24.54
N ASN A 178 -5.10 37.54 25.34
CA ASN A 178 -4.17 36.95 26.28
C ASN A 178 -2.88 36.39 25.64
N ALA A 179 -2.90 36.05 24.36
CA ALA A 179 -1.73 35.49 23.72
C ALA A 179 -0.98 36.45 22.91
N LEU A 180 -1.41 37.72 22.93
CA LEU A 180 -0.63 38.79 22.29
C LEU A 180 0.20 39.47 23.36
N LYS A 181 1.37 39.95 22.94
CA LYS A 181 2.19 40.90 23.72
C LYS A 181 1.31 42.15 24.10
N PRO A 182 1.72 42.92 25.12
CA PRO A 182 0.94 44.10 25.52
C PRO A 182 0.79 45.16 24.42
N ASN A 183 1.70 45.21 23.48
CA ASN A 183 1.56 46.08 22.27
C ASN A 183 1.32 45.26 21.01
N GLY A 184 0.70 44.09 21.16
CA GLY A 184 0.53 43.14 20.05
C GLY A 184 -0.66 43.43 19.17
N TYR A 185 -0.67 42.90 17.94
CA TYR A 185 -1.75 43.10 16.96
C TYR A 185 -2.31 41.76 16.46
N CYS A 186 -3.65 41.72 16.33
CA CYS A 186 -4.38 40.65 15.64
C CYS A 186 -5.09 41.16 14.38
N VAL A 187 -5.07 40.39 13.32
CA VAL A 187 -5.93 40.60 12.17
C VAL A 187 -6.62 39.29 11.85
N ALA A 188 -7.86 39.35 11.36
CA ALA A 188 -8.67 38.18 11.14
C ALA A 188 -9.52 38.35 9.86
N GLN A 189 -9.66 37.31 9.08
CA GLN A 189 -10.56 37.29 7.92
C GLN A 189 -11.94 37.58 8.50
N CYS A 190 -12.58 38.60 7.94
CA CYS A 190 -13.86 39.04 8.50
C CYS A 190 -14.89 39.33 7.43
N GLU A 191 -14.78 38.59 6.34
CA GLU A 191 -15.90 38.37 5.47
C GLU A 191 -16.18 39.63 4.60
N SER A 192 -17.37 39.68 3.99
CA SER A 192 -17.69 40.63 2.90
C SER A 192 -18.72 41.65 3.36
N LEU A 193 -18.34 42.91 3.26
CA LEU A 193 -19.24 44.02 3.56
C LEU A 193 -20.56 44.04 2.71
N TRP A 194 -20.53 43.42 1.52
CA TRP A 194 -21.73 43.35 0.71
C TRP A 194 -22.86 42.50 1.23
N ILE A 195 -22.57 41.52 2.07
CA ILE A 195 -23.61 40.56 2.51
C ILE A 195 -23.49 40.02 3.91
N HIS A 196 -22.46 40.37 4.66
CA HIS A 196 -22.29 39.74 5.97
C HIS A 196 -22.24 40.77 7.11
N VAL A 197 -22.97 41.88 6.98
CA VAL A 197 -22.85 43.00 7.92
C VAL A 197 -23.27 42.56 9.32
N GLY A 198 -24.23 41.66 9.43
CA GLY A 198 -24.60 41.15 10.78
C GLY A 198 -23.41 40.47 11.46
N THR A 199 -22.63 39.70 10.68
CA THR A 199 -21.42 39.02 11.18
C THR A 199 -20.38 40.06 11.54
N ILE A 200 -20.21 41.00 10.66
CA ILE A 200 -19.15 41.95 10.83
C ILE A 200 -19.37 42.70 12.13
N LYS A 201 -20.62 43.10 12.37
CA LYS A 201 -20.98 43.78 13.62
C LYS A 201 -20.73 42.90 14.82
N ASN A 202 -21.07 41.62 14.74
CA ASN A 202 -20.85 40.77 15.89
C ASN A 202 -19.39 40.66 16.27
N MET A 203 -18.56 40.52 15.23
CA MET A 203 -17.13 40.34 15.37
C MET A 203 -16.50 41.62 15.92
N ILE A 204 -16.75 42.75 15.27
CA ILE A 204 -16.35 44.00 15.87
C ILE A 204 -16.78 44.10 17.35
N GLY A 205 -18.01 43.75 17.67
CA GLY A 205 -18.49 43.82 19.05
C GLY A 205 -17.67 42.95 19.97
N TYR A 206 -17.35 41.72 19.52
CA TYR A 206 -16.48 40.81 20.32
C TYR A 206 -15.13 41.38 20.58
N ALA A 207 -14.54 41.96 19.54
CA ALA A 207 -13.21 42.50 19.60
C ALA A 207 -13.12 43.75 20.46
N LYS A 208 -14.17 44.55 20.47
CA LYS A 208 -14.15 45.82 21.19
C LYS A 208 -14.30 45.60 22.67
N LYS A 209 -14.90 44.48 23.08
CA LYS A 209 -15.02 44.15 24.50
C LYS A 209 -13.63 43.99 25.17
N LEU A 210 -12.55 43.92 24.38
CA LEU A 210 -11.20 43.65 24.89
C LEU A 210 -10.13 44.59 24.41
N PHE A 211 -10.17 44.91 23.14
CA PHE A 211 -9.15 45.74 22.50
C PHE A 211 -9.46 47.24 22.50
N LYS A 212 -8.42 48.05 22.71
CA LYS A 212 -8.53 49.51 22.67
C LYS A 212 -9.02 50.03 21.30
N LYS A 213 -8.51 49.46 20.19
CA LYS A 213 -8.79 49.95 18.84
C LYS A 213 -9.13 48.81 17.86
N VAL A 214 -10.38 48.77 17.44
CA VAL A 214 -10.85 47.80 16.47
C VAL A 214 -11.23 48.47 15.13
N GLU A 215 -10.50 48.18 14.07
CA GLU A 215 -10.74 48.73 12.74
C GLU A 215 -11.05 47.58 11.72
N TYR A 216 -11.52 47.96 10.52
CA TYR A 216 -11.99 47.05 9.49
C TYR A 216 -11.52 47.59 8.16
N ALA A 217 -10.93 46.72 7.37
CA ALA A 217 -10.33 47.12 6.14
C ALA A 217 -10.84 46.18 5.09
N ASN A 218 -10.77 46.56 3.82
CA ASN A 218 -11.42 45.78 2.75
C ASN A 218 -10.47 45.53 1.65
N ILE A 219 -10.49 44.30 1.12
CA ILE A 219 -9.56 43.83 0.08
C ILE A 219 -10.33 43.40 -1.17
N SER A 220 -9.86 43.79 -2.33
CA SER A 220 -10.48 43.42 -3.58
C SER A 220 -9.83 42.08 -4.02
N ILE A 221 -10.64 41.02 -4.16
CA ILE A 221 -10.17 39.72 -4.56
C ILE A 221 -11.32 39.00 -5.28
N PRO A 222 -11.16 38.76 -6.58
CA PRO A 222 -12.30 38.30 -7.38
C PRO A 222 -12.94 36.95 -6.94
N THR A 223 -12.19 36.08 -6.24
CA THR A 223 -12.64 34.70 -6.02
C THR A 223 -13.15 34.45 -4.66
N TYR A 224 -13.37 35.49 -3.88
CA TYR A 224 -14.25 35.33 -2.73
C TYR A 224 -15.58 35.94 -3.09
N PRO A 225 -16.62 35.52 -2.41
CA PRO A 225 -17.95 35.98 -2.76
C PRO A 225 -18.10 37.50 -2.65
N CYS A 226 -18.75 38.09 -3.65
CA CYS A 226 -18.94 39.54 -3.74
C CYS A 226 -17.67 40.27 -4.11
N GLY A 227 -16.55 39.57 -4.40
CA GLY A 227 -15.37 40.24 -4.98
C GLY A 227 -14.48 40.88 -3.97
N CYS A 228 -14.74 40.65 -2.68
CA CYS A 228 -13.96 41.31 -1.69
C CYS A 228 -13.99 40.57 -0.30
N ILE A 229 -13.01 40.86 0.53
CA ILE A 229 -12.93 40.24 1.86
C ILE A 229 -12.42 41.26 2.86
N GLY A 230 -13.03 41.29 4.01
CA GLY A 230 -12.57 42.16 5.04
C GLY A 230 -11.53 41.58 5.98
N ILE A 231 -10.78 42.51 6.58
CA ILE A 231 -9.82 42.23 7.63
C ILE A 231 -10.29 42.94 8.87
N LEU A 232 -10.59 42.18 9.87
CA LEU A 232 -10.86 42.75 11.18
C LEU A 232 -9.55 42.97 11.96
N CYS A 233 -9.29 44.22 12.36
CA CYS A 233 -7.98 44.65 12.89
C CYS A 233 -8.07 45.03 14.40
N CYS A 234 -7.30 44.32 15.24
CA CYS A 234 -7.30 44.53 16.69
C CYS A 234 -5.96 44.99 17.29
N SER A 235 -6.04 46.00 18.15
CA SER A 235 -4.88 46.76 18.59
C SER A 235 -5.10 47.06 20.02
N LYS A 236 -4.01 46.96 20.77
CA LYS A 236 -4.05 47.21 22.21
C LYS A 236 -3.72 48.70 22.50
N THR A 237 -3.08 49.37 21.54
CA THR A 237 -2.75 50.79 21.63
C THR A 237 -3.72 51.61 20.79
N ASP A 238 -3.98 52.85 21.19
CA ASP A 238 -5.02 53.66 20.55
C ASP A 238 -4.66 53.99 19.13
N THR A 239 -3.39 53.90 18.78
CA THR A 239 -2.92 54.19 17.43
C THR A 239 -3.43 53.31 16.26
N GLY A 240 -3.72 52.01 16.50
CA GLY A 240 -4.33 51.11 15.48
C GLY A 240 -3.44 50.71 14.29
N LEU A 241 -4.07 50.21 13.21
CA LEU A 241 -3.33 49.57 12.09
C LEU A 241 -3.44 50.21 10.69
N THR A 242 -4.02 51.42 10.63
CA THR A 242 -4.18 52.10 9.30
C THR A 242 -2.93 52.76 8.75
N LYS A 243 -1.95 52.95 9.62
CA LYS A 243 -0.75 53.68 9.23
C LYS A 243 0.56 52.90 9.44
N PRO A 244 1.22 52.49 8.33
CA PRO A 244 2.45 51.75 8.40
C PRO A 244 3.61 52.55 8.99
N ASN A 245 4.49 51.85 9.71
CA ASN A 245 5.60 52.46 10.44
C ASN A 245 6.82 52.26 9.64
N LYS A 246 6.71 51.67 8.46
CA LYS A 246 7.84 51.37 7.64
C LYS A 246 7.43 51.10 6.24
N LYS A 247 8.42 51.16 5.35
CA LYS A 247 8.25 50.82 3.97
C LYS A 247 9.01 49.55 3.68
N LEU A 248 8.62 48.87 2.61
CA LEU A 248 9.16 47.58 2.33
C LEU A 248 10.01 47.71 1.10
N GLU A 249 11.28 48.02 1.32
CA GLU A 249 12.14 48.42 0.24
C GLU A 249 13.25 47.45 -0.11
N SER A 250 13.45 46.43 0.74
CA SER A 250 14.53 45.50 0.58
C SER A 250 14.11 44.50 -0.43
N LYS A 251 15.08 43.77 -0.94
CA LYS A 251 14.90 43.00 -2.16
C LYS A 251 13.90 41.85 -2.03
N GLU A 252 13.61 41.43 -0.80
CA GLU A 252 12.63 40.35 -0.51
C GLU A 252 11.17 40.78 -0.80
N PHE A 253 10.96 42.08 -0.86
CA PHE A 253 9.66 42.65 -1.15
C PHE A 253 9.49 43.21 -2.56
N ALA A 254 10.53 43.22 -3.38
CA ALA A 254 10.43 43.78 -4.73
C ALA A 254 9.25 43.21 -5.58
N ASP A 255 9.03 41.91 -5.48
CA ASP A 255 8.00 41.14 -6.18
C ASP A 255 6.52 41.35 -5.73
N LEU A 256 6.28 42.19 -4.73
CA LEU A 256 4.93 42.37 -4.20
C LEU A 256 3.97 42.85 -5.31
N LYS A 257 2.79 42.26 -5.40
CA LYS A 257 1.86 42.57 -6.51
C LYS A 257 0.59 43.33 -6.15
N TYR A 258 0.21 43.39 -4.87
CA TYR A 258 -0.91 44.17 -4.46
C TYR A 258 -0.51 45.29 -3.48
N TYR A 259 -0.09 44.90 -2.26
CA TYR A 259 0.28 45.84 -1.19
C TYR A 259 1.32 46.89 -1.58
N ASN A 260 1.08 48.11 -1.12
CA ASN A 260 2.09 49.15 -1.05
C ASN A 260 1.69 50.07 0.06
N TYR A 261 2.57 51.01 0.33
CA TYR A 261 2.42 51.95 1.44
C TYR A 261 1.10 52.69 1.45
N GLU A 262 0.75 53.21 0.28
CA GLU A 262 -0.53 53.98 0.13
C GLU A 262 -1.80 53.12 0.24
N ASN A 263 -1.77 51.93 -0.40
CA ASN A 263 -3.03 51.21 -0.36
C ASN A 263 -3.29 50.51 0.99
N HIS A 264 -2.26 50.42 1.83
CA HIS A 264 -2.48 50.06 3.24
C HIS A 264 -3.57 50.92 3.90
N SER A 265 -3.36 52.26 3.90
CA SER A 265 -4.34 53.20 4.55
C SER A 265 -5.61 53.25 3.71
N ALA A 266 -5.48 53.14 2.39
CA ALA A 266 -6.67 53.21 1.50
C ALA A 266 -7.72 52.15 1.84
N ALA A 267 -7.24 50.97 2.21
CA ALA A 267 -8.08 49.81 2.40
C ALA A 267 -9.03 50.02 3.57
N PHE A 268 -8.70 50.94 4.48
CA PHE A 268 -9.60 51.27 5.66
C PHE A 268 -10.67 52.38 5.41
N LYS A 269 -10.65 52.95 4.22
CA LYS A 269 -11.65 53.96 3.83
C LYS A 269 -12.85 53.22 3.28
N LEU A 270 -13.86 53.03 4.07
CA LEU A 270 -14.92 52.13 3.80
C LEU A 270 -16.17 52.86 3.19
N PRO A 271 -17.10 52.06 2.64
CA PRO A 271 -18.32 52.67 2.09
C PRO A 271 -19.21 53.26 3.15
N ALA A 272 -19.90 54.32 2.72
CA ALA A 272 -20.67 55.10 3.66
C ALA A 272 -21.61 54.25 4.51
N PHE A 273 -22.31 53.32 3.88
CA PHE A 273 -23.27 52.49 4.58
C PHE A 273 -22.66 51.61 5.69
N LEU A 274 -21.42 51.16 5.48
CA LEU A 274 -20.76 50.27 6.46
C LEU A 274 -20.44 51.11 7.73
N LEU A 275 -19.94 52.33 7.52
CA LEU A 275 -19.66 53.25 8.65
C LEU A 275 -20.89 53.47 9.46
N LYS A 276 -22.01 53.60 8.78
CA LYS A 276 -23.22 53.91 9.49
C LYS A 276 -23.67 52.70 10.29
N GLU A 277 -23.53 51.51 9.73
CA GLU A 277 -23.84 50.28 10.47
C GLU A 277 -22.92 50.00 11.68
N ILE A 278 -21.66 50.33 11.52
CA ILE A 278 -20.60 50.03 12.50
C ILE A 278 -20.66 50.95 13.70
N GLU A 279 -20.88 52.25 13.47
CA GLU A 279 -20.89 53.23 14.57
C GLU A 279 -22.00 52.81 15.56
N ASN A 280 -21.78 53.08 16.82
CA ASN A 280 -22.68 52.65 17.93
C ASN A 280 -22.47 51.24 18.50
N ILE A 281 -21.67 50.42 17.83
CA ILE A 281 -21.20 49.18 18.44
C ILE A 281 -20.23 49.62 19.54
N LYS B 1 -0.82 4.85 -23.26
CA LYS B 1 -0.73 4.34 -21.84
C LYS B 1 0.51 3.52 -21.61
N LYS B 2 1.28 3.86 -20.58
CA LYS B 2 2.60 3.28 -20.38
C LYS B 2 2.53 2.14 -19.36
N TRP B 3 3.65 1.42 -19.25
CA TRP B 3 3.81 0.43 -18.21
C TRP B 3 4.88 0.81 -17.19
N PHE B 4 4.63 0.52 -15.92
CA PHE B 4 5.74 0.55 -14.97
C PHE B 4 6.38 -0.82 -14.95
N SER B 5 7.70 -0.89 -14.96
CA SER B 5 8.45 -2.13 -14.90
C SER B 5 9.44 -2.08 -13.76
N GLU B 6 9.51 -3.14 -12.97
CA GLU B 6 10.39 -3.18 -11.83
C GLU B 6 11.58 -4.04 -12.19
N PHE B 7 12.71 -3.42 -12.55
CA PHE B 7 14.00 -4.10 -12.84
C PHE B 7 14.88 -3.80 -11.72
N SER B 8 15.70 -4.73 -11.31
CA SER B 8 16.69 -4.40 -10.31
C SER B 8 17.87 -5.35 -10.38
N ILE B 9 19.04 -4.85 -9.99
CA ILE B 9 20.22 -5.69 -9.83
C ILE B 9 20.04 -6.68 -8.66
N MET B 10 19.03 -6.46 -7.82
CA MET B 10 18.77 -7.38 -6.70
C MET B 10 18.09 -8.68 -7.20
N TRP B 11 17.46 -8.63 -8.38
CA TRP B 11 16.78 -9.79 -8.98
C TRP B 11 17.01 -9.80 -10.49
N PRO B 12 18.25 -10.10 -10.93
CA PRO B 12 18.56 -9.87 -12.35
C PRO B 12 17.91 -10.88 -13.23
N GLY B 13 17.56 -10.48 -14.44
CA GLY B 13 17.01 -11.41 -15.43
C GLY B 13 15.51 -11.56 -15.42
N GLN B 14 14.82 -10.92 -14.48
CA GLN B 14 13.39 -11.02 -14.37
C GLN B 14 12.85 -9.65 -14.09
N ALA B 15 11.59 -9.43 -14.45
CA ALA B 15 10.90 -8.15 -14.15
C ALA B 15 9.41 -8.34 -14.06
N PHE B 16 8.77 -7.57 -13.20
CA PHE B 16 7.30 -7.54 -13.12
C PHE B 16 6.87 -6.17 -13.59
N SER B 17 5.87 -6.12 -14.45
CA SER B 17 5.32 -4.85 -14.92
C SER B 17 3.82 -4.69 -14.60
N LEU B 18 3.38 -3.46 -14.35
CA LEU B 18 1.96 -3.11 -14.16
C LEU B 18 1.61 -1.96 -15.10
N LYS B 19 0.48 -2.06 -15.76
CA LYS B 19 0.05 -1.00 -16.59
C LYS B 19 -0.44 0.20 -15.71
N ILE B 20 0.02 1.38 -16.14
CA ILE B 20 -0.26 2.69 -15.50
C ILE B 20 -1.52 3.34 -16.01
N LYS B 21 -2.50 3.53 -15.13
CA LYS B 21 -3.69 4.29 -15.49
C LYS B 21 -3.38 5.81 -15.50
N LYS B 22 -2.76 6.29 -14.45
CA LYS B 22 -2.21 7.66 -14.45
C LYS B 22 -1.20 7.82 -13.31
N ILE B 23 -0.22 8.71 -13.51
CA ILE B 23 0.78 9.02 -12.51
C ILE B 23 0.21 10.02 -11.54
N LEU B 24 0.39 9.82 -10.24
CA LEU B 24 -0.21 10.71 -9.27
C LEU B 24 0.78 11.62 -8.58
N TYR B 25 2.03 11.21 -8.41
CA TYR B 25 3.01 11.98 -7.69
C TYR B 25 4.36 11.39 -7.97
N GLU B 26 5.37 12.21 -8.28
CA GLU B 26 6.76 11.78 -8.33
C GLU B 26 7.51 12.92 -7.68
N THR B 27 8.44 12.65 -6.77
CA THR B 27 9.32 13.66 -6.23
C THR B 27 10.51 12.93 -5.73
N LYS B 28 11.53 13.67 -5.37
CA LYS B 28 12.75 13.12 -4.89
C LYS B 28 12.85 13.64 -3.49
N SER B 29 12.70 12.80 -2.47
CA SER B 29 12.85 13.25 -1.12
C SER B 29 14.35 13.41 -0.80
N LYS B 30 14.65 13.71 0.46
CA LYS B 30 16.00 13.80 0.95
C LYS B 30 16.66 12.41 0.89
N TYR B 31 15.84 11.35 0.91
CA TYR B 31 16.39 9.98 0.98
C TYR B 31 16.19 9.06 -0.24
N GLN B 32 15.11 9.21 -1.02
CA GLN B 32 14.77 8.27 -2.11
C GLN B 32 13.91 8.88 -3.20
N ASN B 33 13.84 8.26 -4.38
CA ASN B 33 12.85 8.68 -5.38
C ASN B 33 11.49 8.04 -5.05
N VAL B 34 10.46 8.86 -4.98
CA VAL B 34 9.14 8.44 -4.62
C VAL B 34 8.23 8.60 -5.78
N LEU B 35 7.52 7.52 -6.07
CA LEU B 35 6.57 7.45 -7.18
C LEU B 35 5.26 6.83 -6.67
N VAL B 36 4.16 7.48 -6.97
CA VAL B 36 2.82 6.97 -6.73
C VAL B 36 2.01 6.98 -8.02
N PHE B 37 1.42 5.85 -8.38
CA PHE B 37 0.62 5.86 -9.55
C PHE B 37 -0.62 5.01 -9.35
N GLU B 38 -1.66 5.25 -10.17
CA GLU B 38 -2.78 4.36 -10.20
C GLU B 38 -2.55 3.38 -11.32
N SER B 39 -2.54 2.09 -10.92
CA SER B 39 -2.37 1.00 -11.86
C SER B 39 -3.74 0.70 -12.42
N THR B 40 -3.80 0.14 -13.63
CA THR B 40 -5.10 -0.31 -14.17
C THR B 40 -5.78 -1.45 -13.38
N THR B 41 -5.04 -2.38 -12.74
CA THR B 41 -5.75 -3.51 -12.09
C THR B 41 -5.36 -3.80 -10.68
N TYR B 42 -4.33 -3.16 -10.14
CA TYR B 42 -3.92 -3.42 -8.76
C TYR B 42 -4.17 -2.18 -7.88
N GLY B 43 -4.87 -1.19 -8.41
CA GLY B 43 -5.17 0.00 -7.61
C GLY B 43 -3.93 0.83 -7.54
N LYS B 44 -3.79 1.56 -6.44
CA LYS B 44 -2.63 2.46 -6.32
C LYS B 44 -1.35 1.79 -5.84
N VAL B 45 -0.21 2.28 -6.35
CA VAL B 45 1.07 1.63 -6.21
C VAL B 45 2.05 2.66 -5.67
N LEU B 46 2.77 2.28 -4.62
CA LEU B 46 3.84 3.09 -4.06
C LEU B 46 5.17 2.48 -4.45
N VAL B 47 6.06 3.30 -5.00
CA VAL B 47 7.38 2.86 -5.58
C VAL B 47 8.46 3.75 -4.95
N LEU B 48 9.47 3.13 -4.36
CA LEU B 48 10.64 3.79 -3.84
C LEU B 48 11.87 3.30 -4.57
N ASP B 49 12.60 4.24 -5.11
CA ASP B 49 13.82 3.96 -5.89
C ASP B 49 13.60 2.84 -6.89
N GLY B 50 12.55 2.94 -7.67
CA GLY B 50 12.16 1.96 -8.70
C GLY B 50 11.66 0.61 -8.20
N VAL B 51 11.37 0.46 -6.90
CA VAL B 51 10.96 -0.81 -6.32
C VAL B 51 9.60 -0.68 -5.65
N ILE B 52 8.66 -1.54 -6.08
CA ILE B 52 7.29 -1.60 -5.53
C ILE B 52 7.32 -1.88 -4.01
N GLN B 53 6.79 -0.96 -3.25
CA GLN B 53 6.62 -1.16 -1.80
C GLN B 53 5.25 -1.73 -1.49
N LEU B 54 4.25 -1.30 -2.25
CA LEU B 54 2.91 -1.83 -2.01
C LEU B 54 1.93 -1.50 -3.12
N THR B 55 0.87 -2.33 -3.25
CA THR B 55 -0.27 -2.03 -4.02
C THR B 55 -1.51 -2.19 -3.11
N GLU B 56 -2.55 -1.45 -3.41
CA GLU B 56 -3.86 -1.59 -2.60
C GLU B 56 -4.47 -2.95 -2.79
N LYS B 57 -4.23 -3.59 -3.93
CA LYS B 57 -4.85 -4.88 -4.14
C LYS B 57 -4.35 -5.98 -3.19
N ASP B 58 -3.07 -5.98 -2.83
CA ASP B 58 -2.48 -7.11 -2.08
C ASP B 58 -1.78 -6.82 -0.80
N GLU B 59 -1.69 -5.55 -0.47
CA GLU B 59 -0.88 -5.08 0.61
C GLU B 59 -1.34 -5.73 1.88
N PHE B 60 -2.63 -6.09 1.95
CA PHE B 60 -3.16 -6.71 3.23
C PHE B 60 -2.46 -8.02 3.59
N ALA B 61 -1.96 -8.78 2.61
CA ALA B 61 -1.31 -10.06 2.89
C ALA B 61 -0.03 -9.90 3.70
N TYR B 62 0.78 -8.97 3.24
CA TYR B 62 2.04 -8.60 3.91
C TYR B 62 1.80 -7.95 5.30
N HIS B 63 0.96 -6.94 5.31
CA HIS B 63 0.75 -6.23 6.59
C HIS B 63 0.06 -7.06 7.63
N GLU B 64 -0.90 -7.87 7.22
CA GLU B 64 -1.53 -8.76 8.19
C GLU B 64 -0.62 -9.83 8.75
N MET B 65 0.18 -10.51 7.89
CA MET B 65 1.06 -11.61 8.39
C MET B 65 2.17 -11.09 9.29
N MET B 66 2.75 -9.94 8.94
CA MET B 66 3.82 -9.25 9.71
C MET B 66 3.35 -8.81 11.08
N THR B 67 2.08 -8.50 11.20
CA THR B 67 1.54 -8.00 12.46
C THR B 67 0.96 -9.08 13.35
N HIS B 68 0.06 -9.86 12.77
CA HIS B 68 -0.70 -10.87 13.42
C HIS B 68 0.07 -12.10 13.78
N VAL B 69 1.14 -12.40 13.04
CA VAL B 69 2.03 -13.48 13.56
C VAL B 69 2.64 -13.20 14.96
N PRO B 70 3.44 -12.11 15.12
CA PRO B 70 3.94 -11.91 16.46
C PRO B 70 2.86 -11.47 17.49
N MET B 71 1.88 -10.73 17.04
CA MET B 71 0.94 -10.15 18.01
C MET B 71 -0.05 -11.20 18.51
N THR B 72 -0.18 -12.38 17.88
CA THR B 72 -0.96 -13.47 18.48
C THR B 72 -0.18 -14.39 19.40
N VAL B 73 1.14 -14.19 19.49
CA VAL B 73 2.03 -15.02 20.32
C VAL B 73 2.39 -14.28 21.61
N SER B 74 2.84 -13.02 21.45
CA SER B 74 3.20 -12.16 22.58
C SER B 74 1.93 -11.98 23.40
N LYS B 75 2.02 -12.17 24.73
CA LYS B 75 0.83 -12.05 25.58
C LYS B 75 0.85 -10.62 26.15
N GLU B 76 -0.24 -9.90 26.10
CA GLU B 76 -0.26 -8.60 26.77
C GLU B 76 0.84 -7.62 26.30
N PRO B 77 1.22 -7.62 25.02
CA PRO B 77 2.19 -6.63 24.61
C PRO B 77 1.76 -5.14 24.88
N LYS B 78 2.56 -4.38 25.63
CA LYS B 78 2.28 -2.98 25.93
C LYS B 78 2.98 -1.99 25.03
N ASN B 79 4.19 -2.36 24.56
CA ASN B 79 4.95 -1.45 23.76
C ASN B 79 5.41 -2.15 22.48
N VAL B 80 5.13 -1.54 21.33
CA VAL B 80 5.47 -2.14 20.09
C VAL B 80 6.15 -1.04 19.22
N LEU B 81 7.17 -1.42 18.49
CA LEU B 81 7.86 -0.50 17.63
C LEU B 81 7.72 -1.00 16.23
N VAL B 82 7.34 -0.11 15.30
CA VAL B 82 7.52 -0.37 13.90
C VAL B 82 8.73 0.38 13.29
N VAL B 83 9.55 -0.31 12.53
CA VAL B 83 10.77 0.27 11.94
C VAL B 83 10.45 0.37 10.48
N GLY B 84 10.55 1.56 9.88
CA GLY B 84 10.14 1.83 8.51
C GLY B 84 8.63 1.93 8.54
N GLY B 85 7.98 1.27 7.61
CA GLY B 85 6.52 1.23 7.62
C GLY B 85 5.79 2.57 7.46
N GLY B 86 6.41 3.53 6.74
CA GLY B 86 5.87 4.89 6.66
C GLY B 86 4.45 4.95 6.15
N ASP B 87 4.09 3.95 5.35
CA ASP B 87 2.77 3.90 4.74
C ASP B 87 1.66 3.70 5.77
N GLY B 88 1.97 3.04 6.89
CA GLY B 88 1.00 2.85 8.00
C GLY B 88 0.25 1.54 8.08
N GLY B 89 0.52 0.68 7.12
CA GLY B 89 -0.13 -0.63 7.03
C GLY B 89 0.10 -1.46 8.31
N ILE B 90 1.31 -1.53 8.85
CA ILE B 90 1.48 -2.33 10.11
C ILE B 90 0.71 -1.67 11.28
N ILE B 91 0.82 -0.33 11.34
CA ILE B 91 0.16 0.47 12.35
C ILE B 91 -1.32 0.20 12.32
N ARG B 92 -1.94 0.30 11.15
CA ARG B 92 -3.34 -0.05 10.97
C ARG B 92 -3.72 -1.36 11.68
N GLU B 93 -2.93 -2.39 11.47
CA GLU B 93 -3.21 -3.73 12.03
C GLU B 93 -2.92 -3.72 13.51
N LEU B 94 -1.90 -2.97 13.92
CA LEU B 94 -1.56 -3.04 15.35
C LEU B 94 -2.66 -2.35 16.20
N CYS B 95 -3.29 -1.29 15.65
CA CYS B 95 -4.34 -0.54 16.33
C CYS B 95 -5.57 -1.35 16.72
N LYS B 96 -5.74 -2.48 16.05
CA LYS B 96 -6.81 -3.41 16.30
C LYS B 96 -6.68 -4.09 17.69
N TYR B 97 -5.48 -4.04 18.29
CA TYR B 97 -5.22 -4.63 19.59
C TYR B 97 -5.39 -3.54 20.63
N LYS B 98 -6.53 -3.63 21.31
CA LYS B 98 -7.00 -2.62 22.30
C LYS B 98 -6.05 -2.34 23.49
N SER B 99 -5.38 -3.39 23.92
CA SER B 99 -4.54 -3.35 25.07
C SER B 99 -3.08 -2.93 24.88
N VAL B 100 -2.63 -2.74 23.63
CA VAL B 100 -1.35 -2.08 23.44
C VAL B 100 -1.50 -0.62 23.95
N GLU B 101 -0.48 -0.16 24.65
CA GLU B 101 -0.47 1.23 25.20
C GLU B 101 0.19 2.21 24.27
N ASN B 102 1.32 1.81 23.64
CA ASN B 102 2.17 2.74 22.88
C ASN B 102 2.65 2.04 21.67
N ILE B 103 2.45 2.66 20.52
CA ILE B 103 2.92 2.21 19.24
C ILE B 103 3.87 3.25 18.69
N ASP B 104 5.12 2.94 18.69
CA ASP B 104 6.12 3.83 18.22
C ASP B 104 6.49 3.42 16.79
N ILE B 105 6.74 4.39 15.96
CA ILE B 105 7.17 4.11 14.63
C ILE B 105 8.37 5.00 14.31
N CYS B 106 9.39 4.42 13.66
CA CYS B 106 10.56 5.13 13.29
C CYS B 106 10.80 4.94 11.80
N GLU B 107 10.52 5.99 11.07
CA GLU B 107 10.58 6.05 9.61
C GLU B 107 11.57 7.14 9.30
N ILE B 108 12.51 6.87 8.36
CA ILE B 108 13.54 7.80 7.98
C ILE B 108 13.04 8.94 7.07
N ASP B 109 12.02 8.66 6.27
CA ASP B 109 11.53 9.58 5.25
C ASP B 109 10.12 10.03 5.48
N GLU B 110 9.93 11.23 6.05
CA GLU B 110 8.58 11.77 6.32
C GLU B 110 7.77 11.98 5.07
N THR B 111 8.40 12.12 3.89
CA THR B 111 7.63 12.23 2.65
C THR B 111 6.77 10.98 2.39
N VAL B 112 7.31 9.81 2.74
CA VAL B 112 6.56 8.55 2.54
C VAL B 112 5.31 8.59 3.50
N ILE B 113 5.44 9.08 4.73
CA ILE B 113 4.18 9.24 5.58
C ILE B 113 3.14 10.18 4.96
N GLU B 114 3.60 11.31 4.40
CA GLU B 114 2.68 12.34 3.82
C GLU B 114 1.94 11.87 2.60
N VAL B 115 2.70 11.38 1.65
CA VAL B 115 2.14 10.78 0.45
C VAL B 115 1.15 9.65 0.73
N SER B 116 1.41 8.89 1.77
CA SER B 116 0.56 7.80 2.13
C SER B 116 -0.75 8.27 2.85
N LYS B 117 -0.65 9.26 3.70
CA LYS B 117 -1.85 9.97 4.13
C LYS B 117 -2.66 10.59 2.95
N ILE B 118 -2.01 11.01 1.88
CA ILE B 118 -2.74 11.70 0.83
C ILE B 118 -3.37 10.67 -0.09
N TYR B 119 -2.58 9.75 -0.63
CA TYR B 119 -3.05 8.80 -1.64
C TYR B 119 -3.52 7.43 -1.19
N PHE B 120 -3.22 7.02 0.05
CA PHE B 120 -3.50 5.68 0.51
C PHE B 120 -4.25 5.70 1.86
N LYS B 121 -5.44 6.26 1.84
CA LYS B 121 -6.20 6.54 3.07
C LYS B 121 -6.58 5.30 3.83
N ASN B 122 -6.91 4.23 3.12
CA ASN B 122 -7.19 2.93 3.73
C ASN B 122 -6.03 2.17 4.42
N ILE B 123 -4.83 2.66 4.18
CA ILE B 123 -3.61 2.10 4.67
C ILE B 123 -3.08 3.02 5.75
N SER B 124 -3.17 4.35 5.57
CA SER B 124 -2.62 5.32 6.57
C SER B 124 -3.53 5.77 7.71
N CYS B 125 -4.71 5.17 7.80
CA CYS B 125 -5.72 5.55 8.79
C CYS B 125 -5.26 5.41 10.24
N GLY B 126 -4.46 4.41 10.58
CA GLY B 126 -4.07 4.22 12.00
C GLY B 126 -3.28 5.40 12.61
N TYR B 127 -2.72 6.29 11.79
CA TYR B 127 -1.96 7.44 12.30
C TYR B 127 -2.86 8.35 13.16
N GLU B 128 -4.18 8.28 12.98
CA GLU B 128 -5.15 8.93 13.90
C GLU B 128 -5.18 8.39 15.30
N ASP B 129 -4.78 7.14 15.50
CA ASP B 129 -4.82 6.54 16.82
C ASP B 129 -3.91 7.31 17.72
N LYS B 130 -4.39 7.65 18.90
CA LYS B 130 -3.67 8.58 19.72
C LYS B 130 -2.55 7.88 20.43
N ARG B 131 -2.47 6.56 20.35
CA ARG B 131 -1.38 5.84 20.96
C ARG B 131 -0.16 5.83 20.03
N VAL B 132 -0.27 6.40 18.84
CA VAL B 132 0.85 6.37 17.89
C VAL B 132 1.82 7.56 18.02
N ASN B 133 3.10 7.28 18.22
CA ASN B 133 4.14 8.24 18.34
C ASN B 133 5.06 8.07 17.14
N VAL B 134 5.22 9.13 16.37
CA VAL B 134 6.00 9.02 15.15
C VAL B 134 7.36 9.63 15.36
N PHE B 135 8.42 8.94 14.96
CA PHE B 135 9.77 9.50 14.99
C PHE B 135 10.39 9.43 13.61
N ILE B 136 10.96 10.56 13.19
CA ILE B 136 11.50 10.69 11.84
C ILE B 136 12.99 10.59 11.98
N GLU B 137 13.54 9.39 11.77
CA GLU B 137 14.93 9.11 12.12
C GLU B 137 15.39 7.81 11.43
N ASP B 138 16.71 7.61 11.30
CA ASP B 138 17.25 6.32 10.92
C ASP B 138 17.10 5.44 12.14
N ALA B 139 16.46 4.27 11.92
CA ALA B 139 16.13 3.36 13.00
C ALA B 139 17.37 2.77 13.58
N SER B 140 18.38 2.65 12.76
CA SER B 140 19.68 2.25 13.22
C SER B 140 20.17 3.18 14.31
N LYS B 141 19.94 4.46 14.10
CA LYS B 141 20.28 5.43 15.11
C LYS B 141 19.23 5.43 16.27
N PHE B 142 17.95 5.37 15.96
CA PHE B 142 16.90 5.38 16.99
C PHE B 142 17.13 4.24 17.96
N LEU B 143 17.59 3.10 17.43
CA LEU B 143 17.79 1.92 18.26
C LEU B 143 19.06 1.88 19.11
N GLU B 144 19.96 2.81 18.88
CA GLU B 144 21.27 2.75 19.53
C GLU B 144 21.29 2.67 21.06
N ASN B 145 20.44 3.44 21.70
CA ASN B 145 20.40 3.50 23.13
C ASN B 145 18.96 3.20 23.61
N VAL B 146 18.31 2.18 23.02
CA VAL B 146 17.05 1.68 23.59
C VAL B 146 17.33 0.32 24.17
N THR B 147 16.87 0.08 25.40
CA THR B 147 17.08 -1.19 25.99
C THR B 147 15.86 -1.59 26.80
N ASN B 148 15.47 -2.84 26.62
CA ASN B 148 14.52 -3.43 27.46
C ASN B 148 13.17 -2.75 27.46
N THR B 149 12.72 -2.38 26.28
CA THR B 149 11.61 -1.48 26.13
C THR B 149 10.43 -2.15 25.41
N TYR B 150 10.66 -2.82 24.27
CA TYR B 150 9.56 -3.28 23.41
C TYR B 150 9.19 -4.74 23.56
N ASP B 151 7.90 -5.04 23.60
CA ASP B 151 7.41 -6.43 23.57
C ASP B 151 7.51 -7.06 22.21
N VAL B 152 7.31 -6.25 21.17
CA VAL B 152 7.39 -6.66 19.77
C VAL B 152 7.99 -5.57 18.92
N ILE B 153 8.85 -5.96 17.96
CA ILE B 153 9.42 -5.05 17.02
C ILE B 153 9.22 -5.62 15.64
N ILE B 154 8.60 -4.85 14.76
CA ILE B 154 8.31 -5.27 13.42
C ILE B 154 9.10 -4.42 12.49
N VAL B 155 9.99 -5.07 11.74
CA VAL B 155 10.88 -4.36 10.84
C VAL B 155 10.30 -4.44 9.44
N ASP B 156 9.65 -3.37 9.06
CA ASP B 156 9.06 -3.26 7.76
C ASP B 156 9.91 -2.34 6.91
N SER B 157 11.04 -2.85 6.44
CA SER B 157 11.99 -2.04 5.71
C SER B 157 11.79 -2.20 4.23
N SER B 158 12.32 -1.24 3.47
CA SER B 158 12.59 -1.38 2.04
C SER B 158 13.81 -2.29 1.92
N ASP B 159 14.35 -2.46 0.70
CA ASP B 159 15.41 -3.44 0.37
C ASP B 159 16.82 -2.86 0.67
N PRO B 160 17.84 -3.73 0.74
CA PRO B 160 19.15 -3.21 1.22
C PRO B 160 19.80 -2.09 0.39
N ILE B 161 19.34 -1.88 -0.83
CA ILE B 161 19.88 -0.79 -1.64
C ILE B 161 19.07 0.45 -1.33
N GLY B 162 19.76 1.44 -0.71
CA GLY B 162 19.16 2.72 -0.31
C GLY B 162 19.22 2.84 1.24
N PRO B 163 18.36 3.65 1.84
CA PRO B 163 18.50 3.96 3.29
C PRO B 163 18.28 2.82 4.23
N ALA B 164 17.72 1.73 3.74
CA ALA B 164 17.60 0.51 4.52
C ALA B 164 18.91 -0.25 4.67
N GLU B 165 19.98 0.17 4.01
CA GLU B 165 21.23 -0.58 4.06
C GLU B 165 21.72 -0.79 5.52
N THR B 166 21.50 0.22 6.36
CA THR B 166 21.75 0.12 7.82
C THR B 166 20.95 -0.93 8.59
N LEU B 167 19.97 -1.56 7.95
CA LEU B 167 19.09 -2.46 8.71
C LEU B 167 19.32 -3.94 8.50
N PHE B 168 20.27 -4.26 7.61
CA PHE B 168 20.52 -5.64 7.16
C PHE B 168 21.89 -6.15 7.60
N ASN B 169 22.32 -5.82 8.82
CA ASN B 169 23.64 -6.23 9.29
C ASN B 169 23.54 -6.74 10.72
N GLN B 170 24.65 -7.32 11.20
CA GLN B 170 24.71 -7.98 12.51
C GLN B 170 24.41 -6.95 13.61
N ASN B 171 24.98 -5.77 13.44
CA ASN B 171 24.82 -4.67 14.40
C ASN B 171 23.35 -4.34 14.70
N PHE B 172 22.56 -4.27 13.62
CA PHE B 172 21.19 -3.92 13.72
C PHE B 172 20.50 -4.91 14.60
N TYR B 173 20.76 -6.19 14.36
CA TYR B 173 20.18 -7.26 15.19
C TYR B 173 20.56 -7.24 16.68
N GLU B 174 21.78 -6.81 17.01
CA GLU B 174 22.17 -6.67 18.42
C GLU B 174 21.33 -5.61 19.03
N LYS B 175 21.06 -4.59 18.24
CA LYS B 175 20.27 -3.45 18.73
C LYS B 175 18.82 -3.85 18.95
N ILE B 176 18.28 -4.65 18.04
N ILE B 176 18.26 -4.66 18.05
CA ILE B 176 16.93 -5.22 18.22
CA ILE B 176 16.92 -5.20 18.25
C ILE B 176 16.84 -6.04 19.48
C ILE B 176 16.84 -6.04 19.49
N TYR B 177 17.78 -6.98 19.59
CA TYR B 177 17.84 -7.87 20.71
C TYR B 177 17.83 -7.06 22.03
N ASN B 178 18.73 -6.10 22.11
CA ASN B 178 18.82 -5.25 23.28
C ASN B 178 17.57 -4.40 23.58
N ALA B 179 16.90 -3.94 22.54
CA ALA B 179 15.76 -3.06 22.67
C ALA B 179 14.51 -3.80 23.12
N LEU B 180 14.48 -5.09 22.84
CA LEU B 180 13.37 -5.89 23.29
C LEU B 180 13.38 -6.22 24.79
N LYS B 181 12.20 -6.50 25.33
CA LYS B 181 12.06 -7.04 26.65
C LYS B 181 12.66 -8.47 26.76
N PRO B 182 12.76 -9.01 27.97
CA PRO B 182 13.38 -10.34 28.03
C PRO B 182 12.64 -11.45 27.29
N ASN B 183 11.33 -11.29 27.09
CA ASN B 183 10.51 -12.25 26.34
C ASN B 183 9.93 -11.65 25.05
N GLY B 184 10.58 -10.66 24.47
CA GLY B 184 10.07 -9.98 23.28
C GLY B 184 10.41 -10.70 21.97
N TYR B 185 9.80 -10.21 20.88
CA TYR B 185 9.80 -10.82 19.57
C TYR B 185 10.15 -9.79 18.53
N CYS B 186 10.93 -10.15 17.55
CA CYS B 186 11.04 -9.33 16.39
C CYS B 186 10.68 -10.14 15.16
N VAL B 187 10.01 -9.52 14.20
CA VAL B 187 9.80 -10.10 12.92
C VAL B 187 10.28 -9.09 11.90
N ALA B 188 10.88 -9.57 10.82
CA ALA B 188 11.44 -8.65 9.82
C ALA B 188 11.31 -9.16 8.40
N GLN B 189 11.01 -8.24 7.50
CA GLN B 189 10.91 -8.48 6.09
C GLN B 189 12.20 -9.14 5.63
N CYS B 190 12.11 -10.31 4.99
CA CYS B 190 13.31 -11.11 4.69
C CYS B 190 13.29 -11.79 3.34
N GLU B 191 12.93 -11.07 2.33
CA GLU B 191 13.25 -11.44 0.95
C GLU B 191 12.66 -12.77 0.48
N SER B 192 13.04 -13.22 -0.70
CA SER B 192 12.28 -14.29 -1.35
C SER B 192 13.07 -15.55 -1.38
N LEU B 193 12.48 -16.62 -0.88
CA LEU B 193 13.14 -17.92 -0.93
C LEU B 193 13.46 -18.41 -2.31
N TRP B 194 12.93 -17.76 -3.35
CA TRP B 194 13.17 -18.17 -4.72
C TRP B 194 14.39 -17.56 -5.37
N ILE B 195 14.96 -16.51 -4.79
CA ILE B 195 16.16 -15.93 -5.41
C ILE B 195 17.21 -15.44 -4.48
N HIS B 196 16.96 -15.42 -3.17
CA HIS B 196 17.82 -14.71 -2.24
C HIS B 196 18.31 -15.62 -1.12
N VAL B 197 18.58 -16.90 -1.42
CA VAL B 197 18.74 -17.86 -0.33
C VAL B 197 20.00 -17.54 0.51
N GLY B 198 21.07 -17.08 -0.15
CA GLY B 198 22.27 -16.56 0.53
C GLY B 198 21.96 -15.46 1.55
N THR B 199 21.28 -14.42 1.10
CA THR B 199 20.81 -13.39 1.97
C THR B 199 20.06 -13.96 3.17
N ILE B 200 19.16 -14.93 2.94
CA ILE B 200 18.28 -15.44 3.97
C ILE B 200 19.13 -16.14 5.00
N LYS B 201 20.13 -16.90 4.51
CA LYS B 201 21.04 -17.57 5.43
C LYS B 201 21.87 -16.55 6.23
N ASN B 202 22.27 -15.46 5.59
CA ASN B 202 23.03 -14.42 6.28
C ASN B 202 22.18 -13.84 7.42
N MET B 203 20.90 -13.56 7.12
CA MET B 203 20.05 -12.89 8.10
C MET B 203 19.75 -13.88 9.26
N ILE B 204 19.50 -15.16 8.93
CA ILE B 204 19.26 -16.17 9.98
C ILE B 204 20.53 -16.29 10.85
N GLY B 205 21.68 -16.21 10.19
CA GLY B 205 22.97 -16.23 10.86
C GLY B 205 23.13 -15.14 11.90
N TYR B 206 22.78 -13.93 11.52
CA TYR B 206 22.94 -12.82 12.39
C TYR B 206 22.00 -12.92 13.58
N ALA B 207 20.77 -13.42 13.36
CA ALA B 207 19.82 -13.49 14.48
C ALA B 207 20.17 -14.62 15.41
N LYS B 208 20.67 -15.72 14.84
CA LYS B 208 20.99 -16.89 15.65
C LYS B 208 22.14 -16.67 16.60
N LYS B 209 23.01 -15.68 16.36
CA LYS B 209 23.99 -15.26 17.37
C LYS B 209 23.39 -14.72 18.66
N LEU B 210 22.12 -14.34 18.67
CA LEU B 210 21.56 -13.62 19.80
C LEU B 210 20.32 -14.24 20.31
N PHE B 211 19.46 -14.60 19.36
CA PHE B 211 18.14 -15.10 19.70
C PHE B 211 18.17 -16.62 19.86
N LYS B 212 17.45 -17.15 20.84
CA LYS B 212 17.40 -18.58 21.05
C LYS B 212 16.57 -19.35 20.03
N LYS B 213 15.55 -18.73 19.42
CA LYS B 213 14.77 -19.34 18.33
C LYS B 213 14.61 -18.39 17.12
N VAL B 214 15.03 -18.84 15.96
CA VAL B 214 14.95 -18.09 14.72
C VAL B 214 14.26 -18.97 13.70
N GLU B 215 13.22 -18.44 13.06
CA GLU B 215 12.31 -19.24 12.20
C GLU B 215 12.03 -18.37 10.96
N TYR B 216 11.39 -18.94 9.95
CA TYR B 216 11.29 -18.22 8.70
C TYR B 216 9.96 -18.61 8.14
N ALA B 217 9.21 -17.61 7.69
CA ALA B 217 7.87 -17.85 7.10
C ALA B 217 7.74 -17.19 5.74
N ASN B 218 6.81 -17.72 4.95
CA ASN B 218 6.54 -17.22 3.64
C ASN B 218 5.13 -16.75 3.50
N ILE B 219 4.97 -15.69 2.73
CA ILE B 219 3.70 -15.02 2.47
C ILE B 219 3.57 -14.92 0.95
N SER B 220 2.39 -15.26 0.43
CA SER B 220 2.05 -15.20 -0.98
C SER B 220 1.58 -13.76 -1.19
N ILE B 221 2.25 -13.06 -2.10
CA ILE B 221 1.88 -11.70 -2.43
C ILE B 221 2.43 -11.31 -3.83
N PRO B 222 1.53 -11.02 -4.76
CA PRO B 222 1.97 -11.08 -6.17
C PRO B 222 2.89 -9.99 -6.63
N THR B 223 2.87 -8.85 -5.96
CA THR B 223 3.63 -7.68 -6.40
C THR B 223 4.99 -7.48 -5.79
N TYR B 224 5.52 -8.43 -5.01
CA TYR B 224 6.94 -8.48 -4.66
C TYR B 224 7.61 -9.50 -5.59
N PRO B 225 8.88 -9.29 -5.95
CA PRO B 225 9.46 -10.16 -6.99
C PRO B 225 9.36 -11.65 -6.62
N CYS B 226 8.96 -12.49 -7.58
CA CYS B 226 8.76 -13.93 -7.35
C CYS B 226 7.42 -14.29 -6.63
N GLY B 227 6.64 -13.27 -6.29
CA GLY B 227 5.28 -13.46 -5.75
C GLY B 227 5.23 -13.83 -4.27
N CYS B 228 6.33 -13.73 -3.55
CA CYS B 228 6.33 -14.03 -2.10
C CYS B 228 7.41 -13.18 -1.43
N ILE B 229 7.35 -13.12 -0.09
CA ILE B 229 8.28 -12.44 0.74
C ILE B 229 8.30 -13.23 2.04
N GLY B 230 9.50 -13.35 2.61
CA GLY B 230 9.76 -14.04 3.89
C GLY B 230 9.62 -13.12 5.10
N ILE B 231 9.35 -13.73 6.23
CA ILE B 231 9.45 -13.07 7.45
C ILE B 231 10.48 -13.77 8.27
N LEU B 232 11.47 -13.03 8.74
CA LEU B 232 12.44 -13.55 9.69
C LEU B 232 11.91 -13.36 11.11
N CYS B 233 11.84 -14.42 11.90
CA CYS B 233 11.05 -14.41 13.11
C CYS B 233 12.00 -14.75 14.31
N CYS B 234 12.13 -13.84 15.30
CA CYS B 234 13.21 -13.87 16.23
C CYS B 234 12.60 -13.88 17.59
N SER B 235 12.83 -14.98 18.32
CA SER B 235 12.21 -15.12 19.70
C SER B 235 13.29 -15.27 20.76
N LYS B 236 13.11 -14.65 21.91
CA LYS B 236 14.08 -14.82 23.00
C LYS B 236 13.79 -16.07 23.81
N THR B 237 12.56 -16.58 23.66
CA THR B 237 12.06 -17.79 24.30
C THR B 237 12.42 -19.01 23.41
N ASP B 238 12.20 -20.22 23.91
CA ASP B 238 12.48 -21.45 23.13
C ASP B 238 11.28 -21.88 22.27
N THR B 239 10.11 -21.42 22.65
CA THR B 239 8.85 -21.77 22.04
C THR B 239 8.59 -21.11 20.65
N GLY B 240 9.14 -19.93 20.39
CA GLY B 240 9.11 -19.36 19.04
C GLY B 240 7.78 -18.80 18.59
N LEU B 241 7.69 -18.60 17.29
CA LEU B 241 6.56 -17.82 16.74
C LEU B 241 5.59 -18.61 15.88
N THR B 242 5.72 -19.95 15.80
CA THR B 242 4.90 -20.69 14.80
C THR B 242 3.51 -21.04 15.24
N LYS B 243 3.17 -20.85 16.51
CA LYS B 243 1.87 -21.27 17.04
C LYS B 243 1.26 -20.13 17.78
N PRO B 244 0.15 -19.61 17.31
CA PRO B 244 -0.50 -18.55 18.06
C PRO B 244 -1.10 -19.03 19.39
N ASN B 245 -1.10 -18.17 20.41
CA ASN B 245 -1.73 -18.36 21.73
C ASN B 245 -3.16 -17.91 21.78
N LYS B 246 -3.60 -17.13 20.80
CA LYS B 246 -4.94 -16.58 20.87
C LYS B 246 -5.51 -16.52 19.49
N LYS B 247 -6.82 -16.47 19.45
CA LYS B 247 -7.56 -16.48 18.22
C LYS B 247 -8.09 -15.10 18.08
N LEU B 248 -8.03 -14.52 16.88
CA LEU B 248 -8.49 -13.15 16.70
C LEU B 248 -10.00 -13.09 16.53
N GLU B 249 -10.72 -13.15 17.64
CA GLU B 249 -12.18 -13.27 17.63
C GLU B 249 -12.93 -11.93 17.69
N SER B 250 -12.38 -10.92 18.34
CA SER B 250 -13.12 -9.67 18.51
C SER B 250 -13.43 -8.96 17.18
N LYS B 251 -14.36 -8.02 17.25
CA LYS B 251 -14.89 -7.45 16.04
C LYS B 251 -13.87 -6.67 15.21
N GLU B 252 -12.77 -6.16 15.79
CA GLU B 252 -11.76 -5.39 15.05
C GLU B 252 -11.09 -6.27 14.01
N PHE B 253 -11.12 -7.58 14.23
CA PHE B 253 -10.45 -8.53 13.37
C PHE B 253 -11.36 -9.24 12.41
N ALA B 254 -12.63 -8.84 12.32
CA ALA B 254 -13.57 -9.68 11.56
C ALA B 254 -13.34 -9.62 10.03
N ASP B 255 -12.80 -8.53 9.53
CA ASP B 255 -12.67 -8.30 8.12
C ASP B 255 -11.23 -8.61 7.68
N LEU B 256 -10.45 -9.34 8.48
CA LEU B 256 -9.10 -9.69 8.03
C LEU B 256 -9.30 -10.44 6.71
N LYS B 257 -8.41 -10.16 5.77
CA LYS B 257 -8.41 -10.75 4.46
C LYS B 257 -7.35 -11.77 4.11
N TYR B 258 -6.42 -12.11 5.02
CA TYR B 258 -5.43 -13.11 4.74
C TYR B 258 -5.18 -13.96 5.92
N TYR B 259 -4.63 -13.35 6.93
CA TYR B 259 -4.31 -14.09 8.15
C TYR B 259 -5.52 -14.80 8.74
N ASN B 260 -5.29 -15.99 9.30
CA ASN B 260 -6.19 -16.62 10.25
C ASN B 260 -5.38 -17.65 11.06
N TYR B 261 -6.00 -18.25 12.09
CA TYR B 261 -5.33 -19.22 13.01
C TYR B 261 -4.53 -20.32 12.28
N GLU B 262 -5.10 -20.93 11.25
CA GLU B 262 -4.46 -22.04 10.61
C GLU B 262 -3.33 -21.63 9.65
N ASN B 263 -3.48 -20.52 8.96
CA ASN B 263 -2.48 -20.21 7.97
C ASN B 263 -1.30 -19.50 8.58
N HIS B 264 -1.49 -19.16 9.86
CA HIS B 264 -0.36 -18.73 10.70
C HIS B 264 0.77 -19.77 10.77
N SER B 265 0.47 -20.94 11.37
CA SER B 265 1.32 -22.12 11.34
C SER B 265 1.70 -22.57 9.91
N ALA B 266 0.79 -22.55 8.98
CA ALA B 266 1.14 -23.03 7.62
C ALA B 266 2.22 -22.22 6.92
N ALA B 267 2.29 -20.93 7.25
CA ALA B 267 3.30 -20.05 6.64
C ALA B 267 4.71 -20.49 6.93
N PHE B 268 4.92 -21.25 8.00
CA PHE B 268 6.25 -21.73 8.34
C PHE B 268 6.57 -23.16 7.76
N LYS B 269 5.67 -23.75 7.00
CA LYS B 269 5.95 -25.03 6.34
C LYS B 269 6.58 -24.70 5.01
N LEU B 270 7.88 -24.78 4.93
CA LEU B 270 8.57 -24.27 3.75
C LEU B 270 9.00 -25.35 2.74
N PRO B 271 9.13 -24.96 1.46
CA PRO B 271 9.66 -25.90 0.51
C PRO B 271 10.84 -26.71 1.07
N ALA B 272 10.88 -28.01 0.76
CA ALA B 272 11.95 -28.86 1.23
C ALA B 272 13.35 -28.36 0.84
N PHE B 273 13.55 -27.74 -0.31
CA PHE B 273 14.95 -27.39 -0.65
C PHE B 273 15.46 -26.26 0.33
N LEU B 274 14.52 -25.44 0.80
CA LEU B 274 14.86 -24.35 1.68
C LEU B 274 15.25 -24.86 3.06
N LEU B 275 14.45 -25.77 3.61
CA LEU B 275 14.74 -26.38 4.91
C LEU B 275 16.11 -26.97 4.90
N LYS B 276 16.45 -27.59 3.78
CA LYS B 276 17.77 -28.16 3.64
C LYS B 276 18.87 -27.06 3.68
N GLU B 277 18.75 -26.00 2.89
CA GLU B 277 19.74 -24.91 2.97
C GLU B 277 19.85 -24.22 4.33
N ILE B 278 18.75 -24.13 5.06
CA ILE B 278 18.65 -23.49 6.37
C ILE B 278 19.11 -24.41 7.53
N GLU B 279 18.85 -25.72 7.48
CA GLU B 279 19.50 -26.71 8.38
C GLU B 279 19.95 -26.12 9.71
N LYS C 1 20.56 -7.65 -25.33
CA LYS C 1 19.75 -8.92 -25.11
C LYS C 1 18.26 -8.61 -25.00
N LYS C 2 17.47 -9.45 -25.63
CA LYS C 2 16.04 -9.25 -25.70
C LYS C 2 15.37 -9.85 -24.42
N TRP C 3 14.14 -9.39 -24.13
CA TRP C 3 13.34 -9.91 -23.00
C TRP C 3 12.14 -10.60 -23.58
N PHE C 4 11.79 -11.76 -23.00
CA PHE C 4 10.49 -12.36 -23.19
C PHE C 4 9.47 -11.75 -22.19
N SER C 5 8.30 -11.31 -22.67
CA SER C 5 7.26 -10.76 -21.81
C SER C 5 5.96 -11.54 -21.99
N GLU C 6 5.25 -11.78 -20.88
CA GLU C 6 4.00 -12.60 -20.84
C GLU C 6 2.76 -11.77 -20.59
N PHE C 7 2.22 -11.23 -21.65
CA PHE C 7 1.01 -10.39 -21.68
C PHE C 7 -0.12 -11.27 -22.04
N SER C 8 -1.27 -11.09 -21.40
CA SER C 8 -2.42 -11.89 -21.69
C SER C 8 -3.66 -11.26 -21.13
N ILE C 9 -4.75 -11.43 -21.88
CA ILE C 9 -6.08 -10.97 -21.46
C ILE C 9 -6.58 -11.73 -20.24
N MET C 10 -5.97 -12.87 -19.96
CA MET C 10 -6.26 -13.62 -18.74
C MET C 10 -5.67 -13.00 -17.50
N TRP C 11 -4.73 -12.07 -17.66
CA TRP C 11 -4.17 -11.33 -16.53
C TRP C 11 -3.88 -9.87 -16.98
N PRO C 12 -4.96 -9.13 -17.28
CA PRO C 12 -4.86 -7.78 -17.85
C PRO C 12 -4.12 -6.85 -16.87
N GLY C 13 -3.23 -6.00 -17.44
CA GLY C 13 -2.54 -4.95 -16.67
C GLY C 13 -1.29 -5.35 -15.92
N GLN C 14 -0.84 -6.57 -16.08
CA GLN C 14 0.35 -7.04 -15.43
C GLN C 14 1.12 -7.92 -16.41
N ALA C 15 2.40 -8.07 -16.14
CA ALA C 15 3.27 -8.91 -16.96
C ALA C 15 4.52 -9.26 -16.27
N PHE C 16 4.90 -10.53 -16.38
CA PHE C 16 6.18 -11.02 -15.87
C PHE C 16 7.09 -11.15 -17.14
N SER C 17 8.36 -10.83 -16.97
CA SER C 17 9.36 -10.85 -18.09
C SER C 17 10.60 -11.60 -17.67
N LEU C 18 11.18 -12.32 -18.64
CA LEU C 18 12.45 -13.00 -18.44
C LEU C 18 13.48 -12.61 -19.56
N LYS C 19 14.70 -12.28 -19.14
CA LYS C 19 15.79 -11.99 -20.03
C LYS C 19 16.23 -13.25 -20.81
N ILE C 20 16.27 -13.08 -22.13
CA ILE C 20 16.59 -14.18 -23.02
C ILE C 20 18.10 -14.33 -23.26
N LYS C 21 18.64 -15.50 -22.95
CA LYS C 21 19.99 -15.75 -23.30
C LYS C 21 20.04 -16.10 -24.77
N LYS C 22 19.22 -17.06 -25.19
CA LYS C 22 19.04 -17.37 -26.59
C LYS C 22 17.77 -18.18 -26.85
N ILE C 23 17.14 -17.86 -27.96
CA ILE C 23 16.07 -18.63 -28.56
C ILE C 23 16.57 -19.98 -29.09
N LEU C 24 15.85 -21.04 -28.73
CA LEU C 24 16.27 -22.38 -29.00
C LEU C 24 15.41 -22.97 -30.09
N TYR C 25 14.11 -22.61 -30.08
CA TYR C 25 13.16 -23.21 -30.99
C TYR C 25 11.79 -22.53 -30.99
N GLU C 26 11.16 -22.54 -32.17
CA GLU C 26 9.98 -21.73 -32.44
C GLU C 26 9.24 -22.37 -33.59
N THR C 27 7.98 -22.73 -33.37
CA THR C 27 7.20 -23.31 -34.43
C THR C 27 5.72 -23.25 -34.15
N LYS C 28 4.95 -23.42 -35.23
CA LYS C 28 3.50 -23.50 -35.13
C LYS C 28 3.08 -24.94 -35.33
N SER C 29 2.59 -25.59 -34.27
CA SER C 29 2.15 -26.98 -34.32
C SER C 29 0.76 -26.96 -34.90
N LYS C 30 0.16 -28.12 -35.06
CA LYS C 30 -1.26 -28.13 -35.42
C LYS C 30 -2.18 -27.32 -34.43
N TYR C 31 -1.73 -27.08 -33.19
CA TYR C 31 -2.64 -26.48 -32.15
C TYR C 31 -2.18 -25.19 -31.52
N GLN C 32 -0.88 -24.99 -31.45
CA GLN C 32 -0.34 -23.89 -30.65
C GLN C 32 0.92 -23.30 -31.28
N ASN C 33 1.25 -22.08 -30.85
CA ASN C 33 2.61 -21.56 -31.09
C ASN C 33 3.51 -22.04 -29.95
N VAL C 34 4.54 -22.77 -30.36
CA VAL C 34 5.51 -23.32 -29.45
C VAL C 34 6.81 -22.50 -29.50
N LEU C 35 7.25 -22.03 -28.33
CA LEU C 35 8.51 -21.36 -28.14
C LEU C 35 9.29 -21.99 -26.97
N VAL C 36 10.57 -22.23 -27.20
CA VAL C 36 11.55 -22.66 -26.19
C VAL C 36 12.70 -21.69 -26.25
N PHE C 37 13.06 -21.18 -25.08
CA PHE C 37 14.17 -20.28 -25.01
C PHE C 37 14.95 -20.58 -23.77
N GLU C 38 16.24 -20.26 -23.83
CA GLU C 38 17.08 -20.19 -22.63
C GLU C 38 17.08 -18.80 -22.01
N SER C 39 16.63 -18.76 -20.74
CA SER C 39 16.57 -17.51 -20.01
C SER C 39 17.90 -17.37 -19.30
N THR C 40 18.24 -16.15 -18.86
CA THR C 40 19.51 -15.94 -18.18
C THR C 40 19.50 -16.49 -16.75
N THR C 41 18.35 -16.52 -16.06
CA THR C 41 18.38 -16.97 -14.63
C THR C 41 17.46 -18.13 -14.25
N TYR C 42 16.53 -18.52 -15.11
CA TYR C 42 15.63 -19.63 -14.82
C TYR C 42 15.87 -20.90 -15.68
N GLY C 43 16.97 -20.89 -16.48
CA GLY C 43 17.22 -22.00 -17.40
C GLY C 43 16.38 -21.93 -18.65
N LYS C 44 16.17 -23.08 -19.30
CA LYS C 44 15.23 -23.20 -20.42
C LYS C 44 13.76 -23.07 -19.97
N VAL C 45 12.96 -22.49 -20.85
CA VAL C 45 11.60 -22.06 -20.62
C VAL C 45 10.78 -22.54 -21.76
N LEU C 46 9.64 -23.18 -21.47
CA LEU C 46 8.70 -23.62 -22.52
C LEU C 46 7.47 -22.72 -22.51
N VAL C 47 7.15 -22.16 -23.67
CA VAL C 47 6.05 -21.24 -23.85
C VAL C 47 5.03 -21.77 -24.89
N LEU C 48 3.77 -21.81 -24.48
CA LEU C 48 2.69 -22.13 -25.42
C LEU C 48 1.70 -20.98 -25.56
N ASP C 49 1.49 -20.57 -26.83
CA ASP C 49 0.60 -19.43 -27.19
C ASP C 49 0.90 -18.22 -26.38
N GLY C 50 2.21 -18.01 -26.17
CA GLY C 50 2.70 -16.81 -25.52
C GLY C 50 2.63 -16.91 -23.98
N VAL C 51 2.38 -18.10 -23.43
CA VAL C 51 2.25 -18.29 -21.99
C VAL C 51 3.29 -19.28 -21.49
N ILE C 52 3.97 -18.90 -20.42
CA ILE C 52 4.93 -19.75 -19.79
C ILE C 52 4.30 -21.01 -19.25
N GLN C 53 4.80 -22.16 -19.72
CA GLN C 53 4.40 -23.45 -19.20
C GLN C 53 5.29 -23.89 -18.11
N LEU C 54 6.57 -23.65 -18.28
CA LEU C 54 7.50 -24.09 -17.25
C LEU C 54 8.88 -23.51 -17.47
N THR C 55 9.69 -23.58 -16.42
CA THR C 55 11.08 -23.15 -16.48
C THR C 55 11.77 -24.20 -15.72
N GLU C 56 12.99 -24.45 -16.12
CA GLU C 56 13.78 -25.46 -15.41
C GLU C 56 14.00 -25.14 -13.97
N LYS C 57 14.12 -23.88 -13.61
CA LYS C 57 14.45 -23.58 -12.19
C LYS C 57 13.29 -23.92 -11.20
N ASP C 58 12.04 -23.71 -11.57
CA ASP C 58 10.98 -23.83 -10.49
C ASP C 58 9.95 -24.89 -10.86
N GLU C 59 10.09 -25.54 -12.04
CA GLU C 59 9.15 -26.60 -12.40
C GLU C 59 8.94 -27.65 -11.32
N PHE C 60 9.93 -28.03 -10.54
CA PHE C 60 9.68 -29.06 -9.54
C PHE C 60 8.54 -28.69 -8.58
N ALA C 61 8.29 -27.41 -8.36
CA ALA C 61 7.29 -27.09 -7.27
C ALA C 61 5.88 -27.56 -7.67
N TYR C 62 5.51 -27.26 -8.92
CA TYR C 62 4.25 -27.59 -9.45
C TYR C 62 4.11 -29.08 -9.72
N HIS C 63 5.11 -29.71 -10.35
CA HIS C 63 5.00 -31.10 -10.67
C HIS C 63 4.96 -32.00 -9.43
N GLU C 64 5.73 -31.64 -8.42
CA GLU C 64 5.82 -32.45 -7.22
C GLU C 64 4.47 -32.31 -6.42
N MET C 65 3.93 -31.10 -6.31
CA MET C 65 2.66 -30.93 -5.52
C MET C 65 1.45 -31.55 -6.23
N MET C 66 1.42 -31.43 -7.54
CA MET C 66 0.34 -31.96 -8.34
C MET C 66 0.31 -33.44 -8.27
N THR C 67 1.49 -34.03 -8.24
CA THR C 67 1.63 -35.45 -8.35
C THR C 67 1.50 -36.06 -6.94
N HIS C 68 2.26 -35.54 -6.00
CA HIS C 68 2.36 -36.28 -4.72
C HIS C 68 1.20 -36.03 -3.70
N VAL C 69 0.41 -34.99 -3.95
CA VAL C 69 -0.79 -34.76 -3.12
C VAL C 69 -1.75 -35.96 -3.30
N PRO C 70 -2.23 -36.24 -4.52
CA PRO C 70 -3.10 -37.36 -4.68
C PRO C 70 -2.42 -38.70 -4.47
N MET C 71 -1.18 -38.87 -4.94
CA MET C 71 -0.47 -40.15 -4.79
C MET C 71 -0.11 -40.57 -3.38
N THR C 72 -0.08 -39.64 -2.43
CA THR C 72 0.14 -40.04 -1.05
C THR C 72 -1.19 -40.28 -0.28
N VAL C 73 -2.30 -39.96 -0.90
CA VAL C 73 -3.57 -40.17 -0.25
C VAL C 73 -4.20 -41.48 -0.76
N SER C 74 -4.22 -41.67 -2.06
CA SER C 74 -4.63 -42.95 -2.64
C SER C 74 -3.81 -44.06 -1.97
N LYS C 75 -4.47 -45.16 -1.60
CA LYS C 75 -3.81 -46.19 -0.83
C LYS C 75 -2.88 -47.02 -1.70
N GLU C 76 -3.36 -47.62 -2.76
CA GLU C 76 -2.51 -48.41 -3.64
C GLU C 76 -2.84 -47.99 -5.08
N PRO C 77 -2.44 -46.79 -5.46
CA PRO C 77 -2.83 -46.41 -6.84
C PRO C 77 -2.09 -47.26 -7.87
N LYS C 78 -2.80 -47.98 -8.74
CA LYS C 78 -2.15 -48.78 -9.81
C LYS C 78 -2.16 -48.23 -11.22
N ASN C 79 -3.26 -47.55 -11.57
CA ASN C 79 -3.48 -47.02 -12.92
C ASN C 79 -3.76 -45.53 -12.81
N VAL C 80 -2.91 -44.76 -13.47
CA VAL C 80 -2.94 -43.29 -13.33
C VAL C 80 -3.02 -42.72 -14.70
N LEU C 81 -3.86 -41.72 -14.84
CA LEU C 81 -3.96 -40.92 -16.07
C LEU C 81 -3.49 -39.50 -15.82
N VAL C 82 -2.64 -39.06 -16.76
CA VAL C 82 -2.28 -37.70 -16.91
C VAL C 82 -2.96 -37.09 -18.12
N VAL C 83 -3.57 -35.91 -17.92
CA VAL C 83 -4.22 -35.15 -18.99
C VAL C 83 -3.35 -33.94 -19.34
N GLY C 84 -3.08 -33.74 -20.62
CA GLY C 84 -2.08 -32.74 -21.02
C GLY C 84 -0.73 -33.22 -20.51
N GLY C 85 0.01 -32.34 -19.81
CA GLY C 85 1.28 -32.73 -19.19
C GLY C 85 2.39 -33.20 -20.16
N GLY C 86 2.35 -32.69 -21.38
CA GLY C 86 3.26 -33.22 -22.39
C GLY C 86 4.77 -33.12 -22.21
N ASP C 87 5.24 -32.19 -21.38
CA ASP C 87 6.66 -32.03 -21.06
C ASP C 87 7.12 -33.26 -20.29
N GLY C 88 6.19 -33.93 -19.60
CA GLY C 88 6.55 -35.14 -18.85
C GLY C 88 6.77 -35.05 -17.36
N GLY C 89 6.71 -33.84 -16.85
CA GLY C 89 7.01 -33.62 -15.43
C GLY C 89 6.19 -34.46 -14.46
N ILE C 90 4.90 -34.52 -14.69
CA ILE C 90 4.05 -35.35 -13.77
C ILE C 90 4.47 -36.82 -13.93
N ILE C 91 4.69 -37.21 -15.17
CA ILE C 91 5.12 -38.61 -15.44
C ILE C 91 6.35 -38.95 -14.65
N ARG C 92 7.34 -38.03 -14.65
CA ARG C 92 8.56 -38.25 -13.89
C ARG C 92 8.26 -38.51 -12.41
N GLU C 93 7.36 -37.68 -11.88
CA GLU C 93 7.06 -37.80 -10.45
C GLU C 93 6.32 -39.09 -10.20
N LEU C 94 5.41 -39.43 -11.12
CA LEU C 94 4.71 -40.72 -11.07
C LEU C 94 5.59 -41.97 -11.12
N CYS C 95 6.64 -41.98 -11.98
CA CYS C 95 7.51 -43.16 -12.13
C CYS C 95 8.24 -43.50 -10.81
N LYS C 96 8.33 -42.55 -9.89
CA LYS C 96 9.05 -42.82 -8.69
C LYS C 96 8.28 -43.79 -7.86
N TYR C 97 6.96 -43.96 -8.12
CA TYR C 97 6.19 -44.96 -7.36
C TYR C 97 6.34 -46.32 -7.99
N LYS C 98 7.13 -47.19 -7.37
CA LYS C 98 7.43 -48.50 -7.99
C LYS C 98 6.17 -49.35 -8.14
N SER C 99 5.20 -49.19 -7.23
CA SER C 99 3.96 -49.95 -7.25
C SER C 99 2.94 -49.51 -8.26
N VAL C 100 3.17 -48.41 -8.94
CA VAL C 100 2.26 -48.03 -10.02
C VAL C 100 2.50 -49.07 -11.12
N GLU C 101 1.41 -49.55 -11.69
CA GLU C 101 1.48 -50.53 -12.78
C GLU C 101 1.31 -49.95 -14.17
N ASN C 102 0.54 -48.87 -14.29
CA ASN C 102 0.34 -48.28 -15.62
C ASN C 102 0.16 -46.77 -15.55
N ILE C 103 0.76 -46.05 -16.51
CA ILE C 103 0.56 -44.66 -16.66
C ILE C 103 0.15 -44.33 -18.07
N ASP C 104 -1.02 -43.74 -18.20
CA ASP C 104 -1.47 -43.22 -19.47
C ASP C 104 -1.32 -41.74 -19.46
N ILE C 105 -0.93 -41.20 -20.59
CA ILE C 105 -0.98 -39.76 -20.80
C ILE C 105 -1.71 -39.46 -22.08
N CYS C 106 -2.59 -38.46 -22.00
CA CYS C 106 -3.38 -38.01 -23.11
C CYS C 106 -3.13 -36.51 -23.33
N GLU C 107 -2.33 -36.26 -24.38
CA GLU C 107 -1.84 -34.94 -24.64
C GLU C 107 -2.29 -34.60 -26.05
N ILE C 108 -2.92 -33.45 -26.24
CA ILE C 108 -3.44 -33.12 -27.54
C ILE C 108 -2.35 -32.83 -28.62
N ASP C 109 -1.23 -32.26 -28.21
CA ASP C 109 -0.24 -31.68 -29.18
C ASP C 109 1.06 -32.45 -29.14
N GLU C 110 1.25 -33.37 -30.08
CA GLU C 110 2.47 -34.22 -30.02
C GLU C 110 3.81 -33.48 -30.13
N THR C 111 3.81 -32.32 -30.76
CA THR C 111 4.99 -31.44 -30.78
C THR C 111 5.50 -31.07 -29.43
N VAL C 112 4.59 -30.94 -28.45
CA VAL C 112 5.03 -30.59 -27.14
C VAL C 112 5.87 -31.70 -26.56
N ILE C 113 5.43 -32.94 -26.75
CA ILE C 113 6.21 -34.10 -26.26
C ILE C 113 7.58 -34.15 -27.04
N GLU C 114 7.57 -33.86 -28.32
CA GLU C 114 8.90 -33.93 -29.11
C GLU C 114 9.96 -32.90 -28.59
N VAL C 115 9.51 -31.66 -28.51
CA VAL C 115 10.28 -30.53 -28.05
C VAL C 115 10.74 -30.81 -26.61
N SER C 116 9.90 -31.49 -25.82
CA SER C 116 10.34 -31.85 -24.46
C SER C 116 11.41 -32.92 -24.36
N LYS C 117 11.41 -33.83 -25.33
CA LYS C 117 12.50 -34.82 -25.43
C LYS C 117 13.77 -34.10 -25.91
N ILE C 118 13.65 -33.10 -26.78
CA ILE C 118 14.82 -32.42 -27.26
C ILE C 118 15.48 -31.47 -26.18
N TYR C 119 14.68 -30.65 -25.50
CA TYR C 119 15.20 -29.55 -24.75
C TYR C 119 14.94 -29.67 -23.25
N PHE C 120 14.26 -30.70 -22.78
CA PHE C 120 13.94 -30.75 -21.34
C PHE C 120 14.07 -32.14 -20.83
N LYS C 121 15.24 -32.71 -21.04
CA LYS C 121 15.44 -34.13 -20.80
C LYS C 121 15.30 -34.48 -19.33
N ASN C 122 15.58 -33.52 -18.44
CA ASN C 122 15.42 -33.77 -16.98
C ASN C 122 13.91 -33.77 -16.57
N ILE C 123 13.04 -33.35 -17.48
CA ILE C 123 11.62 -33.36 -17.29
C ILE C 123 10.95 -34.53 -18.03
N SER C 124 11.46 -34.84 -19.23
CA SER C 124 10.80 -35.77 -20.14
C SER C 124 11.36 -37.19 -20.01
N CYS C 125 12.22 -37.40 -19.02
CA CYS C 125 12.92 -38.68 -18.84
C CYS C 125 12.01 -39.89 -18.59
N GLY C 126 10.83 -39.70 -18.01
CA GLY C 126 9.95 -40.83 -17.78
C GLY C 126 9.24 -41.39 -19.02
N TYR C 127 9.30 -40.72 -20.17
CA TYR C 127 8.73 -41.32 -21.40
C TYR C 127 9.38 -42.68 -21.76
N GLU C 128 10.59 -42.88 -21.24
CA GLU C 128 11.28 -44.17 -21.24
C GLU C 128 10.66 -45.28 -20.42
N ASP C 129 9.88 -44.96 -19.40
CA ASP C 129 9.41 -46.00 -18.46
C ASP C 129 8.45 -46.92 -19.29
N LYS C 130 8.62 -48.23 -19.20
CA LYS C 130 7.73 -49.12 -19.98
C LYS C 130 6.30 -49.18 -19.38
N ARG C 131 6.07 -48.60 -18.18
CA ARG C 131 4.69 -48.42 -17.69
C ARG C 131 3.89 -47.33 -18.42
N VAL C 132 4.55 -46.52 -19.27
CA VAL C 132 3.96 -45.33 -19.86
C VAL C 132 3.40 -45.50 -21.25
N ASN C 133 2.17 -45.10 -21.43
CA ASN C 133 1.47 -45.20 -22.73
C ASN C 133 0.91 -43.86 -23.09
N VAL C 134 1.22 -43.45 -24.30
CA VAL C 134 0.94 -42.14 -24.79
C VAL C 134 -0.22 -42.15 -25.80
N PHE C 135 -1.16 -41.20 -25.66
CA PHE C 135 -2.29 -41.05 -26.58
C PHE C 135 -2.28 -39.63 -27.04
N ILE C 136 -2.31 -39.42 -28.33
CA ILE C 136 -2.31 -38.09 -28.84
C ILE C 136 -3.74 -37.73 -29.19
N GLU C 137 -4.39 -36.90 -28.38
CA GLU C 137 -5.85 -36.73 -28.49
C GLU C 137 -6.35 -35.64 -27.51
N ASP C 138 -7.43 -34.97 -27.87
CA ASP C 138 -8.11 -34.08 -26.96
C ASP C 138 -8.64 -34.96 -25.79
N ALA C 139 -8.19 -34.69 -24.58
CA ALA C 139 -8.55 -35.58 -23.45
C ALA C 139 -10.09 -35.64 -23.23
N SER C 140 -10.76 -34.62 -23.71
CA SER C 140 -12.20 -34.50 -23.67
C SER C 140 -12.88 -35.60 -24.51
N LYS C 141 -12.23 -35.99 -25.62
CA LYS C 141 -12.68 -37.09 -26.46
C LYS C 141 -12.15 -38.44 -25.92
N PHE C 142 -10.88 -38.48 -25.51
CA PHE C 142 -10.29 -39.66 -24.99
C PHE C 142 -11.17 -40.18 -23.90
N LEU C 143 -11.66 -39.31 -23.03
CA LEU C 143 -12.39 -39.84 -21.86
C LEU C 143 -13.88 -40.18 -22.12
N GLU C 144 -14.42 -39.92 -23.31
CA GLU C 144 -15.77 -40.53 -23.61
C GLU C 144 -15.57 -42.05 -23.61
N ASN C 145 -16.51 -42.79 -23.11
CA ASN C 145 -16.31 -44.26 -23.10
C ASN C 145 -15.18 -44.81 -22.20
N VAL C 146 -14.57 -44.01 -21.33
CA VAL C 146 -13.68 -44.60 -20.33
C VAL C 146 -14.40 -44.65 -18.98
N THR C 147 -14.44 -45.83 -18.36
CA THR C 147 -15.25 -46.04 -17.17
C THR C 147 -14.52 -46.85 -16.11
N ASN C 148 -14.54 -46.34 -14.89
CA ASN C 148 -14.18 -47.13 -13.69
C ASN C 148 -12.77 -47.71 -13.91
N THR C 149 -11.84 -46.85 -14.37
CA THR C 149 -10.48 -47.29 -14.83
C THR C 149 -9.27 -46.79 -13.99
N TYR C 150 -9.25 -45.51 -13.65
CA TYR C 150 -8.03 -44.89 -13.06
C TYR C 150 -8.24 -44.71 -11.56
N ASP C 151 -7.17 -44.92 -10.80
CA ASP C 151 -7.17 -44.57 -9.41
C ASP C 151 -7.01 -43.08 -9.17
N VAL C 152 -6.21 -42.47 -10.04
CA VAL C 152 -5.91 -41.08 -9.97
C VAL C 152 -5.93 -40.55 -11.36
N ILE C 153 -6.56 -39.38 -11.51
CA ILE C 153 -6.37 -38.54 -12.76
C ILE C 153 -5.70 -37.18 -12.38
N ILE C 154 -4.66 -36.79 -13.14
CA ILE C 154 -3.94 -35.53 -12.87
C ILE C 154 -4.11 -34.71 -14.13
N VAL C 155 -4.78 -33.55 -14.03
CA VAL C 155 -5.09 -32.71 -15.19
C VAL C 155 -4.13 -31.56 -15.20
N ASP C 156 -3.06 -31.77 -15.93
CA ASP C 156 -2.02 -30.75 -16.07
C ASP C 156 -2.21 -30.06 -17.38
N SER C 157 -3.08 -29.11 -17.35
CA SER C 157 -3.53 -28.41 -18.55
C SER C 157 -2.86 -27.10 -18.74
N SER C 158 -2.89 -26.62 -19.97
CA SER C 158 -2.67 -25.23 -20.22
C SER C 158 -3.91 -24.45 -19.79
N ASP C 159 -3.86 -23.14 -20.03
CA ASP C 159 -4.94 -22.23 -19.63
C ASP C 159 -6.17 -22.36 -20.57
N PRO C 160 -7.35 -21.79 -20.15
CA PRO C 160 -8.61 -22.02 -20.88
C PRO C 160 -8.64 -21.42 -22.28
N ILE C 161 -7.78 -20.48 -22.58
CA ILE C 161 -7.72 -19.96 -23.96
C ILE C 161 -6.76 -20.79 -24.73
N GLY C 162 -7.32 -21.61 -25.60
CA GLY C 162 -6.56 -22.44 -26.58
C GLY C 162 -7.18 -23.85 -26.52
N PRO C 163 -6.40 -24.88 -26.84
CA PRO C 163 -6.98 -26.20 -26.89
C PRO C 163 -7.40 -26.72 -25.53
N ALA C 164 -6.99 -26.07 -24.46
CA ALA C 164 -7.49 -26.49 -23.12
C ALA C 164 -8.91 -26.06 -22.76
N GLU C 165 -9.54 -25.27 -23.61
CA GLU C 165 -10.91 -24.82 -23.36
C GLU C 165 -11.90 -25.94 -23.13
N THR C 166 -11.71 -27.09 -23.75
CA THR C 166 -12.66 -28.19 -23.55
C THR C 166 -12.41 -28.90 -22.21
N LEU C 167 -11.41 -28.47 -21.43
CA LEU C 167 -11.11 -29.15 -20.13
C LEU C 167 -11.61 -28.35 -18.92
N PHE C 168 -12.11 -27.14 -19.19
CA PHE C 168 -12.60 -26.23 -18.15
C PHE C 168 -14.16 -26.09 -18.21
N ASN C 169 -14.89 -27.19 -18.11
CA ASN C 169 -16.38 -27.16 -18.14
C ASN C 169 -16.94 -28.35 -17.44
N GLN C 170 -18.24 -28.27 -17.17
CA GLN C 170 -18.89 -29.26 -16.35
C GLN C 170 -18.81 -30.64 -17.01
N ASN C 171 -19.02 -30.66 -18.33
CA ASN C 171 -18.94 -31.88 -19.14
C ASN C 171 -17.65 -32.67 -18.94
N PHE C 172 -16.51 -31.97 -18.92
CA PHE C 172 -15.23 -32.66 -18.75
C PHE C 172 -15.16 -33.30 -17.38
N TYR C 173 -15.70 -32.62 -16.38
CA TYR C 173 -15.68 -33.18 -15.05
C TYR C 173 -16.61 -34.41 -14.88
N GLU C 174 -17.69 -34.46 -15.62
CA GLU C 174 -18.53 -35.66 -15.66
C GLU C 174 -17.72 -36.87 -16.22
N LYS C 175 -16.95 -36.63 -17.28
CA LYS C 175 -16.08 -37.66 -17.82
C LYS C 175 -15.00 -38.13 -16.83
N ILE C 176 -14.34 -37.17 -16.17
CA ILE C 176 -13.33 -37.48 -15.19
C ILE C 176 -13.97 -38.34 -14.14
N TYR C 177 -15.12 -37.89 -13.67
CA TYR C 177 -15.76 -38.64 -12.56
C TYR C 177 -16.09 -40.05 -12.97
N ASN C 178 -16.64 -40.21 -14.14
CA ASN C 178 -16.95 -41.53 -14.65
C ASN C 178 -15.71 -42.44 -14.87
N ALA C 179 -14.58 -41.81 -15.31
CA ALA C 179 -13.40 -42.58 -15.65
C ALA C 179 -12.68 -43.06 -14.35
N LEU C 180 -12.96 -42.41 -13.25
CA LEU C 180 -12.30 -42.77 -12.01
C LEU C 180 -12.93 -44.00 -11.41
N LYS C 181 -12.16 -44.69 -10.59
CA LYS C 181 -12.65 -45.81 -9.86
C LYS C 181 -13.52 -45.32 -8.71
N PRO C 182 -14.17 -46.24 -7.97
CA PRO C 182 -15.17 -45.79 -6.95
C PRO C 182 -14.60 -44.93 -5.82
N ASN C 183 -13.37 -45.21 -5.40
CA ASN C 183 -12.59 -44.33 -4.48
C ASN C 183 -11.46 -43.54 -5.19
N GLY C 184 -11.62 -43.21 -6.48
CA GLY C 184 -10.60 -42.44 -7.21
C GLY C 184 -10.55 -40.95 -6.81
N TYR C 185 -9.45 -40.33 -7.17
CA TYR C 185 -9.12 -38.97 -6.86
C TYR C 185 -8.70 -38.29 -8.17
N CYS C 186 -9.14 -37.04 -8.33
CA CYS C 186 -8.61 -36.10 -9.42
C CYS C 186 -8.06 -34.78 -8.89
N VAL C 187 -6.89 -34.34 -9.41
CA VAL C 187 -6.37 -33.01 -9.12
C VAL C 187 -6.21 -32.33 -10.48
N ALA C 188 -6.47 -31.04 -10.51
CA ALA C 188 -6.37 -30.24 -11.77
C ALA C 188 -5.78 -28.89 -11.46
N GLN C 189 -5.01 -28.44 -12.41
CA GLN C 189 -4.55 -27.10 -12.45
C GLN C 189 -5.70 -26.11 -12.38
N CYS C 190 -5.58 -25.11 -11.53
CA CYS C 190 -6.81 -24.28 -11.29
C CYS C 190 -6.45 -22.88 -10.89
N GLU C 191 -5.44 -22.39 -11.57
CA GLU C 191 -5.25 -20.96 -11.78
C GLU C 191 -4.84 -20.23 -10.50
N SER C 192 -4.75 -18.89 -10.56
CA SER C 192 -4.20 -18.11 -9.44
C SER C 192 -5.26 -17.47 -8.54
N LEU C 193 -5.16 -17.66 -7.23
CA LEU C 193 -6.21 -17.11 -6.29
C LEU C 193 -6.21 -15.54 -6.19
N TRP C 194 -5.20 -14.88 -6.79
CA TRP C 194 -5.01 -13.46 -6.69
C TRP C 194 -5.78 -12.76 -7.84
N ILE C 195 -6.08 -13.45 -8.91
CA ILE C 195 -6.76 -12.84 -10.03
C ILE C 195 -7.80 -13.67 -10.74
N HIS C 196 -7.92 -14.95 -10.39
CA HIS C 196 -8.79 -15.82 -11.14
C HIS C 196 -9.89 -16.40 -10.25
N VAL C 197 -10.38 -15.65 -9.27
CA VAL C 197 -11.39 -16.19 -8.38
C VAL C 197 -12.61 -16.59 -9.16
N GLY C 198 -13.02 -15.87 -10.22
CA GLY C 198 -14.16 -16.33 -10.93
C GLY C 198 -14.05 -17.71 -11.55
N THR C 199 -12.92 -17.99 -12.22
CA THR C 199 -12.62 -19.31 -12.70
C THR C 199 -12.56 -20.36 -11.60
N ILE C 200 -11.93 -20.06 -10.49
CA ILE C 200 -11.82 -21.03 -9.38
C ILE C 200 -13.24 -21.41 -8.87
N LYS C 201 -14.11 -20.43 -8.73
CA LYS C 201 -15.50 -20.70 -8.19
C LYS C 201 -16.29 -21.55 -9.18
N ASN C 202 -16.09 -21.30 -10.45
CA ASN C 202 -16.78 -22.05 -11.49
C ASN C 202 -16.35 -23.49 -11.46
N MET C 203 -15.04 -23.70 -11.32
CA MET C 203 -14.49 -25.06 -11.43
C MET C 203 -14.77 -25.79 -10.14
N ILE C 204 -14.67 -25.12 -9.03
CA ILE C 204 -15.14 -25.82 -7.76
C ILE C 204 -16.64 -26.22 -7.89
N GLY C 205 -17.43 -25.37 -8.54
CA GLY C 205 -18.87 -25.61 -8.78
C GLY C 205 -19.09 -26.86 -9.58
N TYR C 206 -18.31 -27.05 -10.66
CA TYR C 206 -18.46 -28.18 -11.55
C TYR C 206 -18.09 -29.45 -10.86
N ALA C 207 -17.06 -29.37 -10.07
CA ALA C 207 -16.63 -30.52 -9.33
C ALA C 207 -17.62 -30.88 -8.21
N LYS C 208 -18.15 -29.89 -7.55
CA LYS C 208 -19.07 -30.16 -6.41
C LYS C 208 -20.38 -30.78 -6.83
N LYS C 209 -20.79 -30.66 -8.10
CA LYS C 209 -21.98 -31.40 -8.55
C LYS C 209 -21.75 -32.89 -8.57
N LEU C 210 -20.50 -33.36 -8.64
CA LEU C 210 -20.20 -34.78 -8.80
C LEU C 210 -19.49 -35.38 -7.58
N PHE C 211 -18.44 -34.73 -7.09
CA PHE C 211 -17.63 -35.31 -6.04
C PHE C 211 -18.16 -34.91 -4.68
N LYS C 212 -18.07 -35.81 -3.71
CA LYS C 212 -18.55 -35.53 -2.38
C LYS C 212 -17.62 -34.57 -1.62
N LYS C 213 -16.34 -34.60 -1.96
CA LYS C 213 -15.38 -33.67 -1.36
C LYS C 213 -14.50 -32.88 -2.39
N VAL C 214 -14.50 -31.54 -2.28
CA VAL C 214 -13.77 -30.68 -3.22
C VAL C 214 -13.02 -29.65 -2.41
N GLU C 215 -11.73 -29.57 -2.65
CA GLU C 215 -10.81 -28.79 -1.82
C GLU C 215 -9.87 -28.06 -2.81
N TYR C 216 -9.08 -27.11 -2.30
CA TYR C 216 -8.22 -26.23 -3.12
C TYR C 216 -6.93 -25.99 -2.35
N ALA C 217 -5.82 -26.11 -3.09
CA ALA C 217 -4.51 -25.97 -2.51
C ALA C 217 -3.66 -25.04 -3.37
N ASN C 218 -2.73 -24.37 -2.72
CA ASN C 218 -1.97 -23.33 -3.33
C ASN C 218 -0.52 -23.70 -3.34
N ILE C 219 0.15 -23.43 -4.45
CA ILE C 219 1.61 -23.69 -4.59
C ILE C 219 2.40 -22.39 -4.95
N SER C 220 3.54 -22.16 -4.32
CA SER C 220 4.38 -21.02 -4.62
C SER C 220 5.30 -21.42 -5.78
N ILE C 221 5.18 -20.70 -6.90
CA ILE C 221 6.03 -20.89 -8.03
C ILE C 221 6.10 -19.55 -8.78
N PRO C 222 7.31 -18.99 -8.92
CA PRO C 222 7.41 -17.60 -9.38
C PRO C 222 7.08 -17.30 -10.83
N THR C 223 7.13 -18.30 -11.67
CA THR C 223 7.04 -18.06 -13.12
C THR C 223 5.66 -18.36 -13.71
N TYR C 224 4.68 -18.62 -12.83
CA TYR C 224 3.27 -18.44 -13.16
C TYR C 224 2.76 -17.10 -12.61
N PRO C 225 1.82 -16.46 -13.30
CA PRO C 225 1.24 -15.17 -12.98
C PRO C 225 0.78 -15.07 -11.53
N CYS C 226 1.28 -14.03 -10.87
CA CYS C 226 1.04 -13.79 -9.38
C CYS C 226 1.86 -14.66 -8.46
N GLY C 227 2.65 -15.54 -9.08
CA GLY C 227 3.59 -16.36 -8.41
C GLY C 227 3.03 -17.55 -7.65
N CYS C 228 1.85 -17.96 -8.02
CA CYS C 228 1.23 -19.11 -7.40
C CYS C 228 0.27 -19.70 -8.45
N ILE C 229 -0.02 -20.96 -8.24
CA ILE C 229 -0.99 -21.68 -9.01
C ILE C 229 -1.75 -22.58 -8.03
N GLY C 230 -3.03 -22.81 -8.27
CA GLY C 230 -3.77 -23.70 -7.39
C GLY C 230 -4.07 -25.06 -7.96
N ILE C 231 -4.44 -25.99 -7.09
CA ILE C 231 -4.84 -27.38 -7.40
C ILE C 231 -6.26 -27.58 -6.97
N LEU C 232 -7.13 -27.86 -7.92
CA LEU C 232 -8.48 -28.31 -7.63
C LEU C 232 -8.42 -29.74 -7.19
N CYS C 233 -8.98 -30.06 -6.00
CA CYS C 233 -8.80 -31.37 -5.48
C CYS C 233 -10.11 -32.09 -5.29
N CYS C 234 -10.25 -33.20 -6.01
CA CYS C 234 -11.55 -33.87 -6.07
C CYS C 234 -11.50 -35.30 -5.60
N SER C 235 -12.33 -35.54 -4.58
CA SER C 235 -12.43 -36.82 -3.89
C SER C 235 -13.86 -37.38 -3.89
N LYS C 236 -14.02 -38.67 -4.12
CA LYS C 236 -15.36 -39.31 -4.11
C LYS C 236 -15.74 -39.78 -2.72
N THR C 237 -14.77 -39.99 -1.85
CA THR C 237 -14.96 -40.34 -0.44
C THR C 237 -15.32 -39.13 0.40
N ASP C 238 -15.80 -39.36 1.61
CA ASP C 238 -16.14 -38.26 2.55
C ASP C 238 -14.86 -37.59 3.07
N THR C 239 -13.79 -38.34 3.20
CA THR C 239 -12.52 -37.79 3.56
C THR C 239 -11.99 -37.31 2.18
N GLY C 240 -11.12 -36.31 2.20
CA GLY C 240 -10.65 -35.70 0.96
C GLY C 240 -9.13 -35.88 0.81
N LEU C 241 -8.46 -34.81 0.45
CA LEU C 241 -7.05 -34.89 -0.05
C LEU C 241 -6.00 -34.19 0.81
N THR C 242 -6.37 -33.72 2.00
CA THR C 242 -5.52 -32.85 2.76
C THR C 242 -4.54 -33.57 3.69
N LYS C 243 -4.79 -34.85 3.98
CA LYS C 243 -3.96 -35.64 4.89
C LYS C 243 -3.43 -36.87 4.16
N PRO C 244 -2.12 -36.93 3.91
CA PRO C 244 -1.53 -38.14 3.33
C PRO C 244 -1.57 -39.37 4.21
N ASN C 245 -1.68 -40.51 3.54
CA ASN C 245 -1.81 -41.83 4.14
C ASN C 245 -0.46 -42.55 4.09
N LYS C 246 0.53 -41.90 3.46
CA LYS C 246 1.87 -42.45 3.39
C LYS C 246 2.91 -41.30 3.38
N LYS C 247 4.16 -41.62 3.71
CA LYS C 247 5.23 -40.67 3.59
C LYS C 247 6.21 -41.05 2.48
N LEU C 248 6.82 -40.05 1.90
CA LEU C 248 7.74 -40.29 0.79
C LEU C 248 9.16 -40.25 1.31
N GLU C 249 9.66 -41.37 1.85
CA GLU C 249 10.96 -41.39 2.53
C GLU C 249 11.98 -42.31 1.88
N SER C 250 11.54 -43.25 1.10
CA SER C 250 12.43 -44.18 0.42
C SER C 250 13.30 -43.45 -0.56
N LYS C 251 14.25 -44.15 -1.15
CA LYS C 251 15.31 -43.48 -1.87
C LYS C 251 14.90 -42.95 -3.23
N GLU C 252 13.82 -43.48 -3.79
CA GLU C 252 13.22 -42.95 -4.98
C GLU C 252 12.76 -41.49 -4.81
N PHE C 253 12.48 -41.08 -3.56
CA PHE C 253 12.02 -39.74 -3.27
C PHE C 253 13.09 -38.84 -2.60
N ALA C 254 14.35 -39.23 -2.73
CA ALA C 254 15.46 -38.47 -2.15
C ALA C 254 15.60 -37.09 -2.82
N ASP C 255 15.37 -37.02 -4.11
CA ASP C 255 15.54 -35.79 -4.84
C ASP C 255 14.39 -34.73 -4.69
N LEU C 256 13.38 -34.96 -3.84
CA LEU C 256 12.26 -34.00 -3.75
C LEU C 256 12.76 -32.64 -3.27
N LYS C 257 12.40 -31.59 -4.04
CA LYS C 257 12.75 -30.21 -3.72
C LYS C 257 11.64 -29.29 -3.13
N TYR C 258 10.39 -29.74 -3.09
CA TYR C 258 9.34 -28.90 -2.58
C TYR C 258 8.50 -29.71 -1.62
N TYR C 259 7.87 -30.80 -2.13
CA TYR C 259 6.88 -31.56 -1.39
C TYR C 259 7.52 -32.25 -0.17
N ASN C 260 6.82 -32.19 0.97
CA ASN C 260 7.07 -33.06 2.07
C ASN C 260 5.73 -33.26 2.83
N TYR C 261 5.76 -34.08 3.85
CA TYR C 261 4.58 -34.44 4.58
C TYR C 261 3.81 -33.22 5.14
N GLU C 262 4.51 -32.29 5.75
CA GLU C 262 3.93 -31.08 6.35
C GLU C 262 3.42 -30.07 5.36
N ASN C 263 4.12 -29.94 4.25
CA ASN C 263 3.78 -29.01 3.19
C ASN C 263 2.50 -29.42 2.47
N HIS C 264 2.25 -30.72 2.43
CA HIS C 264 1.06 -31.29 1.82
C HIS C 264 -0.16 -30.65 2.50
N SER C 265 -0.27 -30.77 3.81
CA SER C 265 -1.44 -30.20 4.55
C SER C 265 -1.48 -28.64 4.52
N ALA C 266 -0.30 -28.00 4.57
CA ALA C 266 -0.22 -26.56 4.75
C ALA C 266 -0.70 -25.86 3.49
N ALA C 267 -0.45 -26.48 2.34
CA ALA C 267 -0.99 -26.05 1.08
C ALA C 267 -2.47 -25.82 1.05
N PHE C 268 -3.25 -26.51 1.88
CA PHE C 268 -4.69 -26.32 1.84
C PHE C 268 -5.07 -25.26 2.81
N LYS C 269 -4.13 -24.63 3.47
CA LYS C 269 -4.56 -23.52 4.40
C LYS C 269 -4.60 -22.18 3.68
N LEU C 270 -5.76 -21.74 3.29
CA LEU C 270 -5.89 -20.68 2.32
C LEU C 270 -6.05 -19.30 2.99
N PRO C 271 -5.69 -18.23 2.28
CA PRO C 271 -6.01 -16.85 2.76
C PRO C 271 -7.50 -16.62 2.98
N ALA C 272 -7.80 -15.91 4.06
CA ALA C 272 -9.18 -15.75 4.54
C ALA C 272 -10.10 -15.30 3.42
N PHE C 273 -9.66 -14.40 2.50
CA PHE C 273 -10.60 -13.86 1.56
C PHE C 273 -11.05 -14.96 0.59
N LEU C 274 -10.21 -15.95 0.37
CA LEU C 274 -10.51 -16.93 -0.67
C LEU C 274 -11.48 -17.89 -0.02
N LEU C 275 -11.24 -18.19 1.25
CA LEU C 275 -12.18 -19.03 1.93
C LEU C 275 -13.57 -18.42 1.86
N LYS C 276 -13.69 -17.12 2.05
CA LYS C 276 -14.99 -16.47 2.02
C LYS C 276 -15.65 -16.50 0.61
N GLU C 277 -14.81 -16.50 -0.42
CA GLU C 277 -15.34 -16.56 -1.80
C GLU C 277 -15.83 -17.96 -2.11
N ILE C 278 -15.14 -18.95 -1.53
CA ILE C 278 -15.48 -20.37 -1.72
C ILE C 278 -16.81 -20.71 -0.96
N GLU C 279 -17.07 -20.02 0.13
CA GLU C 279 -18.39 -20.14 0.78
C GLU C 279 -19.54 -19.52 -0.07
N ASN C 280 -19.20 -18.74 -1.12
CA ASN C 280 -20.22 -18.18 -2.02
C ASN C 280 -20.36 -18.94 -3.33
N ILE C 281 -19.91 -20.18 -3.33
CA ILE C 281 -20.10 -21.00 -4.53
C ILE C 281 -21.33 -21.91 -4.46
#